data_7QQB
#
_entry.id   7QQB
#
_cell.length_a   83.876
_cell.length_b   109.304
_cell.length_c   149.540
_cell.angle_alpha   90.000
_cell.angle_beta   90.000
_cell.angle_gamma   90.000
#
_symmetry.space_group_name_H-M   'P 2 21 21'
#
loop_
_entity.id
_entity.type
_entity.pdbx_description
1 polymer 'Envelope polyprotein'
2 polymer 'Single Chain Variable Fragment (scFv) of ADI-42898'
3 branched alpha-D-mannopyranose-(1-2)-alpha-D-mannopyranose-(1-3)-[alpha-D-mannopyranose-(1-6)]beta-D-mannopyranose-(1-4)-2-acetamido-2-deoxy-beta-D-glucopyranose-(1-4)-2-acetamido-2-deoxy-beta-D-glucopyranose
4 branched 2-acetamido-2-deoxy-beta-D-glucopyranose-(1-4)-2-acetamido-2-deoxy-beta-D-glucopyranose
5 non-polymer GLYCEROL
6 water water
#
loop_
_entity_poly.entity_id
_entity_poly.type
_entity_poly.pdbx_seq_one_letter_code
_entity_poly.pdbx_strand_id
1 'polypeptide(L)'
;RSSRGDTRNLNELKMECPHTIGLGQGLVIGSIELPPVPLIQVESLKLESSCNFDLHTSTSSQQAFTKWTWEVKSDLAENT
QASSTSFQTKSSEVNLRGLCLVPPLVIETAARTRKTIACFDLSCNQTTCQPTVFLMGPIQTCITTKSCLLGLGDQRIQVN
YEKTYCVSGQLIEGICFNPVHTMALSQPSHTYDIVTVMVRCFLIVKKVTTGDSMKIEKSFETLVQKTGCTDNGFQGYYVC
LIGSSSEPLYIPTLDDYRSAEVLSRMAFAPHGEDHDIEKNAISAMRIVGKVTGKAPSTESSDTVQGIAFSGNPLYTSTGV
LTAKDDPVYVWAPGIMMEGNHSVCDKKTLPLTWTGFIPLPGEIEGGSGLVPRGSGGGSGGGSWSHPQFEKGGGTGGGTLV
PRGSGTGGETQNLNSGWTDTAHGSGVIPMRTDLELDFSLPSSASYTYRRQLQNPANEQEKIPFHLQISKQVIHAEIQHLG
HWMDGTFNLKTAFHCYGSCEKYAYPWQTAGCFVEKDYEYESGWGCNPADCPGVGTGCTACGVYLDKLKSVGKAFKIVSLR
YTRKACIQLGTEQTCKNVDSNDCLVTTSVKVCLIGTVSKFQPSDTLLFLGPLEQGGLIFKQWCTTTCQFGDPGDIMSTPV
GMKCPELSGSFRKKCAFATTPVCQFDGNTISGYKRMIATKDSFQSFNVTEPHISASSLEWIDPDSSLRDHINVIVGRDLS
FQDLSETPCQVDLTTTSIDGAWGSGVGFNLICSVSLTECSTFLTSIKACDSAMCYGSTTANLVRGQNTVHIVGKGGHSGS
KFMCCHDTKCSSTGLVAAAPHLDRVTGYNQADSDKIFDDGAPEGLVPRGSGPFEDDDDKAGWSHPQFEKGGGSGGGSGGG
SWSHPQFEK
;
A,B
2 'polypeptide(L)'
;RSQVQLVESGGGVVQPGRSLRLSCAASGFTFSSYAMHWVRQAPGKGLEWVAVTWFDVSKKDYADSVKGRFTISRDNSKNT
LYLQMNSLRAEDTAVYYCARNLIRYSGSYFPVHGMDVWGQGTTVTVSSGTGGSGGGGSGGGGSGGGASDIVMTQSPLSLP
VTPGEPASISCRSSQSLLHTYGYNCLDWYLQRPGQSPQLLISLGSYRASGVPDRFSGSGSGTDFTLKISRVEAEDVGVYY
CMQALHPFTFGGGTKVEIKGPFEDDDDKAGWSHPQFEKGGGSGGGSGGGSWSHPQFEK
;
H,L
#
# COMPACT_ATOMS: atom_id res chain seq x y z
N ASN A 9 -35.00 -7.18 8.30
CA ASN A 9 -34.15 -6.90 7.16
C ASN A 9 -33.19 -8.07 6.90
N LEU A 10 -32.83 -8.28 5.64
CA LEU A 10 -31.95 -9.36 5.25
C LEU A 10 -30.80 -8.83 4.39
N ASN A 11 -29.72 -9.60 4.35
CA ASN A 11 -28.51 -9.22 3.64
C ASN A 11 -28.00 -10.43 2.87
N GLU A 12 -27.65 -10.23 1.61
CA GLU A 12 -27.21 -11.32 0.75
C GLU A 12 -25.70 -11.54 0.88
N LEU A 13 -25.31 -12.69 1.41
CA LEU A 13 -23.92 -13.11 1.43
C LEU A 13 -23.67 -13.97 0.21
N LYS A 14 -22.83 -13.48 -0.70
CA LYS A 14 -22.57 -14.14 -1.98
C LYS A 14 -21.31 -14.99 -1.87
N MET A 15 -21.43 -16.27 -2.21
CA MET A 15 -20.32 -17.21 -2.22
C MET A 15 -19.87 -17.35 -3.68
N GLU A 16 -18.78 -16.67 -4.02
CA GLU A 16 -18.27 -16.66 -5.39
C GLU A 16 -17.44 -17.92 -5.62
N CYS A 17 -18.05 -18.91 -6.29
CA CYS A 17 -17.58 -20.26 -6.57
C CYS A 17 -16.81 -20.32 -7.89
N PRO A 18 -15.83 -21.20 -7.98
CA PRO A 18 -15.17 -21.43 -9.28
C PRO A 18 -16.08 -22.23 -10.21
N HIS A 19 -15.84 -22.08 -11.51
CA HIS A 19 -16.64 -22.81 -12.48
C HIS A 19 -16.32 -24.30 -12.48
N THR A 20 -15.08 -24.67 -12.15
CA THR A 20 -14.68 -26.07 -12.08
C THR A 20 -14.89 -26.55 -10.66
N ILE A 21 -15.98 -27.28 -10.44
CA ILE A 21 -16.27 -27.83 -9.12
C ILE A 21 -15.77 -29.26 -8.98
N GLY A 22 -16.14 -30.11 -9.93
CA GLY A 22 -15.70 -31.50 -9.91
C GLY A 22 -14.19 -31.64 -9.98
N LEU A 23 -13.54 -30.78 -10.75
CA LEU A 23 -12.08 -30.74 -10.83
C LEU A 23 -11.49 -29.62 -10.00
N GLY A 24 -12.27 -29.04 -9.09
CA GLY A 24 -11.79 -27.97 -8.24
C GLY A 24 -11.11 -28.48 -6.98
N GLN A 25 -10.37 -27.58 -6.34
CA GLN A 25 -9.61 -27.91 -5.13
C GLN A 25 -9.65 -26.74 -4.17
N GLY A 26 -9.58 -27.04 -2.88
CA GLY A 26 -9.58 -26.01 -1.86
C GLY A 26 -10.95 -25.74 -1.27
N LEU A 27 -11.18 -24.50 -0.86
CA LEU A 27 -12.41 -24.11 -0.20
C LEU A 27 -13.00 -22.89 -0.92
N VAL A 28 -14.21 -22.54 -0.52
CA VAL A 28 -14.89 -21.32 -0.94
C VAL A 28 -15.26 -20.54 0.31
N ILE A 29 -15.01 -19.23 0.28
CA ILE A 29 -15.18 -18.38 1.45
C ILE A 29 -15.91 -17.10 1.06
N GLY A 30 -16.71 -16.60 1.99
CA GLY A 30 -17.38 -15.32 1.82
C GLY A 30 -17.58 -14.67 3.18
N SER A 31 -17.81 -13.35 3.14
CA SER A 31 -18.01 -12.59 4.36
C SER A 31 -18.98 -11.45 4.08
N ILE A 32 -19.63 -10.99 5.15
CA ILE A 32 -20.61 -9.91 5.01
C ILE A 32 -20.67 -9.11 6.30
N GLU A 33 -20.85 -7.80 6.15
CA GLU A 33 -21.00 -6.90 7.28
C GLU A 33 -22.47 -6.74 7.63
N LEU A 34 -22.79 -6.81 8.92
CA LEU A 34 -24.15 -6.71 9.41
C LEU A 34 -24.38 -5.36 10.08
N PRO A 35 -25.64 -4.94 10.21
CA PRO A 35 -25.94 -3.67 10.88
C PRO A 35 -25.45 -3.68 12.31
N PRO A 36 -25.16 -2.52 12.89
CA PRO A 36 -24.65 -2.49 14.26
C PRO A 36 -25.73 -2.82 15.28
N VAL A 37 -25.34 -3.61 16.29
CA VAL A 37 -26.24 -3.99 17.37
C VAL A 37 -25.71 -3.37 18.66
N PRO A 38 -26.58 -2.99 19.60
CA PRO A 38 -26.08 -2.38 20.84
C PRO A 38 -25.26 -3.37 21.65
N LEU A 39 -24.46 -2.81 22.56
CA LEU A 39 -23.47 -3.61 23.29
C LEU A 39 -24.12 -4.63 24.22
N ILE A 40 -25.34 -4.36 24.69
CA ILE A 40 -25.98 -5.26 25.65
C ILE A 40 -26.35 -6.59 24.99
N GLN A 41 -26.68 -6.56 23.70
CA GLN A 41 -27.17 -7.74 23.00
C GLN A 41 -26.06 -8.63 22.45
N VAL A 42 -24.79 -8.30 22.72
CA VAL A 42 -23.68 -9.03 22.10
C VAL A 42 -23.55 -10.43 22.69
N GLU A 43 -23.61 -10.55 24.01
CA GLU A 43 -23.39 -11.83 24.68
C GLU A 43 -24.42 -12.90 24.32
N SER A 44 -25.63 -12.50 23.93
CA SER A 44 -26.69 -13.44 23.59
C SER A 44 -26.80 -13.70 22.09
N LEU A 45 -25.83 -13.23 21.30
CA LEU A 45 -25.84 -13.47 19.86
C LEU A 45 -25.54 -14.93 19.57
N LYS A 46 -26.38 -15.55 18.73
CA LYS A 46 -26.17 -16.92 18.27
C LYS A 46 -26.29 -16.97 16.76
N LEU A 47 -25.34 -17.63 16.11
CA LEU A 47 -25.38 -17.82 14.66
C LEU A 47 -26.17 -19.08 14.36
N GLU A 48 -27.34 -18.92 13.75
CA GLU A 48 -28.21 -20.03 13.40
C GLU A 48 -27.96 -20.43 11.95
N SER A 49 -27.98 -21.74 11.69
CA SER A 49 -27.61 -22.27 10.38
C SER A 49 -28.82 -22.47 9.48
N SER A 50 -29.54 -23.57 9.68
CA SER A 50 -30.62 -24.03 8.79
C SER A 50 -30.14 -24.22 7.36
N CYS A 51 -28.86 -24.47 7.16
CA CYS A 51 -28.31 -24.70 5.84
C CYS A 51 -28.25 -26.20 5.53
N ASN A 52 -27.93 -26.50 4.29
CA ASN A 52 -27.78 -27.88 3.83
C ASN A 52 -26.30 -28.23 3.65
N PHE A 53 -25.54 -28.09 4.74
CA PHE A 53 -24.16 -28.56 4.77
C PHE A 53 -23.85 -29.04 6.18
N ASP A 54 -22.58 -29.35 6.41
CA ASP A 54 -22.11 -29.96 7.66
C ASP A 54 -21.36 -28.89 8.46
N LEU A 55 -22.06 -28.22 9.35
CA LEU A 55 -21.50 -27.10 10.09
C LEU A 55 -20.63 -27.58 11.24
N HIS A 56 -19.43 -27.00 11.36
CA HIS A 56 -18.55 -27.27 12.48
C HIS A 56 -18.96 -26.41 13.67
N THR A 57 -19.27 -27.05 14.79
CA THR A 57 -19.93 -26.38 15.91
C THR A 57 -18.97 -25.83 16.96
N SER A 58 -17.65 -26.05 16.81
CA SER A 58 -16.70 -25.61 17.82
C SER A 58 -16.81 -24.11 18.09
N THR A 59 -16.94 -23.30 17.03
CA THR A 59 -17.03 -21.86 17.20
C THR A 59 -18.30 -21.42 17.92
N SER A 60 -19.28 -22.31 18.06
CA SER A 60 -20.55 -21.95 18.71
C SER A 60 -20.52 -22.16 20.22
N SER A 61 -19.35 -22.36 20.81
CA SER A 61 -19.23 -22.54 22.25
C SER A 61 -18.85 -21.21 22.91
N GLN A 62 -18.95 -21.19 24.23
CA GLN A 62 -18.67 -19.99 24.99
C GLN A 62 -17.18 -19.85 25.27
N GLN A 63 -16.67 -18.63 25.16
CA GLN A 63 -15.28 -18.32 25.47
C GLN A 63 -15.22 -17.06 26.31
N ALA A 64 -14.31 -17.05 27.29
CA ALA A 64 -14.18 -15.93 28.20
C ALA A 64 -13.37 -14.82 27.55
N PHE A 65 -13.93 -13.62 27.49
CA PHE A 65 -13.27 -12.44 26.96
C PHE A 65 -13.16 -11.40 28.06
N THR A 66 -12.05 -10.66 28.07
CA THR A 66 -11.87 -9.55 29.00
C THR A 66 -12.43 -8.30 28.32
N LYS A 67 -13.72 -8.05 28.53
CA LYS A 67 -14.35 -6.84 28.03
C LYS A 67 -13.70 -5.62 28.67
N TRP A 68 -13.15 -4.75 27.82
CA TRP A 68 -12.33 -3.62 28.24
C TRP A 68 -12.92 -2.35 27.64
N THR A 69 -13.54 -1.52 28.47
CA THR A 69 -14.22 -0.33 28.01
C THR A 69 -13.66 0.92 28.68
N TRP A 70 -14.00 2.07 28.11
CA TRP A 70 -13.68 3.36 28.67
C TRP A 70 -14.95 4.21 28.72
N GLU A 71 -14.99 5.13 29.66
CA GLU A 71 -16.12 6.05 29.75
C GLU A 71 -15.70 7.29 30.53
N VAL A 72 -16.41 8.39 30.26
CA VAL A 72 -16.18 9.63 30.98
C VAL A 72 -16.52 9.42 32.46
N LYS A 73 -15.81 10.15 33.32
CA LYS A 73 -16.08 10.05 34.75
C LYS A 73 -17.46 10.59 35.07
N SER A 74 -18.22 9.83 35.87
CA SER A 74 -19.58 10.23 36.21
C SER A 74 -19.60 11.52 37.02
N ASP A 75 -18.58 11.73 37.84
CA ASP A 75 -18.49 12.92 38.69
C ASP A 75 -17.64 14.01 38.04
N LEU A 76 -17.93 14.31 36.79
CA LEU A 76 -17.19 15.32 36.04
C LEU A 76 -17.86 16.67 36.21
N ALA A 77 -17.13 17.64 36.76
CA ALA A 77 -17.68 18.97 36.95
C ALA A 77 -18.02 19.61 35.61
N GLU A 78 -18.91 20.60 35.66
CA GLU A 78 -19.33 21.29 34.46
C GLU A 78 -18.15 22.04 33.83
N ASN A 79 -18.09 22.01 32.50
CA ASN A 79 -17.06 22.68 31.72
C ASN A 79 -15.65 22.16 32.04
N THR A 80 -15.54 20.93 32.53
CA THR A 80 -14.23 20.33 32.76
C THR A 80 -13.55 20.06 31.42
N GLN A 81 -12.33 20.54 31.27
CA GLN A 81 -11.60 20.37 30.03
C GLN A 81 -11.02 18.96 29.96
N ALA A 82 -11.09 18.36 28.76
CA ALA A 82 -10.66 16.99 28.58
C ALA A 82 -9.16 16.84 28.84
N SER A 83 -8.80 15.76 29.52
CA SER A 83 -7.41 15.48 29.85
C SER A 83 -7.23 13.96 29.88
N SER A 84 -6.04 13.52 30.28
CA SER A 84 -5.79 12.09 30.41
C SER A 84 -6.49 11.48 31.61
N THR A 85 -6.99 12.30 32.53
CA THR A 85 -7.63 11.81 33.76
C THR A 85 -9.11 12.18 33.85
N SER A 86 -9.68 12.79 32.80
CA SER A 86 -11.09 13.12 32.81
C SER A 86 -11.98 11.94 32.45
N PHE A 87 -11.40 10.76 32.25
CA PHE A 87 -12.14 9.56 31.90
C PHE A 87 -11.43 8.35 32.50
N GLN A 88 -12.16 7.25 32.61
CA GLN A 88 -11.63 6.04 33.22
C GLN A 88 -11.83 4.86 32.28
N THR A 89 -11.10 3.78 32.59
CA THR A 89 -11.23 2.52 31.87
C THR A 89 -11.48 1.41 32.88
N LYS A 90 -12.13 0.35 32.41
CA LYS A 90 -12.49 -0.77 33.26
C LYS A 90 -12.52 -2.04 32.43
N SER A 91 -12.43 -3.18 33.11
CA SER A 91 -12.41 -4.47 32.45
C SER A 91 -13.10 -5.50 33.32
N SER A 92 -13.75 -6.46 32.66
CA SER A 92 -14.40 -7.56 33.36
C SER A 92 -14.58 -8.72 32.39
N GLU A 93 -14.62 -9.93 32.93
CA GLU A 93 -14.75 -11.11 32.09
C GLU A 93 -16.21 -11.37 31.73
N VAL A 94 -16.43 -11.80 30.50
CA VAL A 94 -17.78 -12.06 29.99
C VAL A 94 -17.68 -13.17 28.94
N ASN A 95 -18.70 -14.02 28.90
CA ASN A 95 -18.72 -15.16 27.98
C ASN A 95 -19.32 -14.73 26.64
N LEU A 96 -18.54 -14.85 25.58
CA LEU A 96 -18.99 -14.56 24.22
C LEU A 96 -19.12 -15.87 23.45
N ARG A 97 -20.13 -15.95 22.59
CA ARG A 97 -20.46 -17.17 21.87
C ARG A 97 -20.61 -16.87 20.38
N GLY A 98 -19.97 -17.69 19.54
CA GLY A 98 -20.11 -17.59 18.11
C GLY A 98 -18.97 -16.90 17.38
N LEU A 99 -17.98 -16.38 18.10
CA LEU A 99 -16.89 -15.65 17.47
C LEU A 99 -15.98 -16.61 16.69
N CYS A 100 -15.22 -16.04 15.77
CA CYS A 100 -14.31 -16.83 14.94
C CYS A 100 -13.14 -17.35 15.77
N LEU A 101 -13.33 -18.51 16.41
CA LEU A 101 -12.32 -19.15 17.24
C LEU A 101 -12.19 -20.60 16.78
N VAL A 102 -11.55 -20.79 15.63
CA VAL A 102 -11.49 -22.10 15.00
C VAL A 102 -10.35 -22.90 15.64
N PRO A 103 -10.58 -24.15 16.01
CA PRO A 103 -9.48 -25.00 16.50
C PRO A 103 -8.51 -25.33 15.38
N PRO A 104 -7.28 -25.70 15.70
CA PRO A 104 -6.31 -26.02 14.64
C PRO A 104 -6.75 -27.22 13.81
N LEU A 105 -6.23 -27.25 12.57
CA LEU A 105 -6.45 -28.34 11.61
C LEU A 105 -7.88 -28.39 11.07
N VAL A 106 -8.78 -27.58 11.63
CA VAL A 106 -10.18 -27.61 11.19
C VAL A 106 -10.30 -27.01 9.79
N ILE A 107 -9.73 -25.81 9.59
CA ILE A 107 -9.82 -25.17 8.29
C ILE A 107 -8.91 -25.88 7.28
N GLU A 108 -7.75 -26.35 7.74
CA GLU A 108 -6.81 -27.01 6.83
C GLU A 108 -7.42 -28.27 6.23
N THR A 109 -8.10 -29.08 7.05
CA THR A 109 -8.65 -30.35 6.62
C THR A 109 -10.12 -30.26 6.24
N ALA A 110 -10.66 -29.05 6.06
CA ALA A 110 -12.07 -28.91 5.72
C ALA A 110 -12.38 -29.54 4.38
N ALA A 111 -11.42 -29.56 3.45
CA ALA A 111 -11.65 -30.20 2.16
C ALA A 111 -11.85 -31.70 2.30
N ARG A 112 -11.10 -32.34 3.21
CA ARG A 112 -11.25 -33.77 3.40
C ARG A 112 -12.41 -34.10 4.34
N THR A 113 -12.53 -33.38 5.46
CA THR A 113 -13.62 -33.63 6.39
C THR A 113 -14.97 -33.15 5.88
N ARG A 114 -14.99 -32.35 4.82
CA ARG A 114 -16.22 -31.84 4.21
C ARG A 114 -17.04 -31.02 5.19
N LYS A 115 -16.39 -30.35 6.13
CA LYS A 115 -17.06 -29.52 7.12
C LYS A 115 -17.07 -28.06 6.69
N THR A 116 -18.05 -27.33 7.22
CA THR A 116 -18.25 -25.93 6.91
C THR A 116 -18.13 -25.11 8.18
N ILE A 117 -17.35 -24.04 8.13
CA ILE A 117 -17.11 -23.16 9.26
C ILE A 117 -17.88 -21.86 9.03
N ALA A 118 -18.65 -21.45 10.04
CA ALA A 118 -19.38 -20.19 10.01
C ALA A 118 -19.22 -19.51 11.34
N CYS A 119 -18.76 -18.25 11.33
CA CYS A 119 -18.51 -17.52 12.56
C CYS A 119 -18.63 -16.04 12.28
N PHE A 120 -18.26 -15.21 13.26
CA PHE A 120 -18.29 -13.77 13.07
C PHE A 120 -17.25 -13.12 13.96
N ASP A 121 -16.80 -11.93 13.54
CA ASP A 121 -15.94 -11.07 14.33
C ASP A 121 -16.67 -9.77 14.62
N LEU A 122 -16.11 -8.97 15.53
CA LEU A 122 -16.77 -7.77 16.01
C LEU A 122 -15.89 -6.54 15.76
N SER A 123 -16.49 -5.47 15.23
CA SER A 123 -15.84 -4.18 15.09
C SER A 123 -16.74 -3.16 15.78
N CYS A 124 -16.27 -2.58 16.88
CA CYS A 124 -17.16 -1.85 17.76
C CYS A 124 -16.62 -0.47 18.09
N ASN A 125 -17.54 0.44 18.42
CA ASN A 125 -17.21 1.69 19.08
C ASN A 125 -17.68 1.61 20.53
N GLN A 126 -18.04 2.74 21.12
CA GLN A 126 -18.31 2.76 22.56
C GLN A 126 -19.66 2.12 22.91
N THR A 127 -20.65 2.23 22.03
CA THR A 127 -22.01 1.81 22.36
C THR A 127 -22.54 0.66 21.53
N THR A 128 -21.87 0.27 20.45
CA THR A 128 -22.41 -0.77 19.58
C THR A 128 -21.28 -1.59 18.98
N CYS A 129 -21.66 -2.75 18.46
CA CYS A 129 -20.75 -3.66 17.75
C CYS A 129 -21.35 -4.00 16.39
N GLN A 130 -20.50 -3.98 15.36
CA GLN A 130 -20.90 -4.41 14.03
C GLN A 130 -20.30 -5.79 13.78
N PRO A 131 -21.11 -6.80 13.48
CA PRO A 131 -20.57 -8.15 13.24
C PRO A 131 -20.24 -8.37 11.77
N THR A 132 -19.12 -9.07 11.56
CA THR A 132 -18.69 -9.50 10.24
C THR A 132 -18.78 -11.02 10.21
N VAL A 133 -19.72 -11.54 9.43
CA VAL A 133 -19.98 -12.98 9.36
C VAL A 133 -19.12 -13.57 8.26
N PHE A 134 -18.35 -14.60 8.62
CA PHE A 134 -17.53 -15.38 7.69
C PHE A 134 -18.15 -16.76 7.53
N LEU A 135 -18.13 -17.26 6.29
CA LEU A 135 -18.64 -18.58 5.96
C LEU A 135 -17.71 -19.22 4.94
N MET A 136 -17.16 -20.38 5.26
CA MET A 136 -16.25 -21.07 4.35
C MET A 136 -16.52 -22.56 4.39
N GLY A 137 -16.40 -23.20 3.23
CA GLY A 137 -16.67 -24.62 3.12
C GLY A 137 -16.03 -25.26 1.91
N PRO A 138 -16.30 -26.55 1.69
CA PRO A 138 -15.73 -27.23 0.52
C PRO A 138 -16.31 -26.67 -0.77
N ILE A 139 -15.54 -26.86 -1.86
CA ILE A 139 -15.97 -26.39 -3.16
C ILE A 139 -17.28 -27.06 -3.56
N GLN A 140 -17.43 -28.35 -3.25
CA GLN A 140 -18.62 -29.09 -3.65
C GLN A 140 -19.90 -28.55 -3.03
N THR A 141 -19.81 -27.86 -1.89
CA THR A 141 -21.00 -27.25 -1.30
C THR A 141 -21.60 -26.16 -2.19
N CYS A 142 -20.86 -25.71 -3.20
CA CYS A 142 -21.42 -24.80 -4.20
C CYS A 142 -22.51 -25.46 -5.03
N ILE A 143 -22.69 -26.78 -4.91
CA ILE A 143 -23.72 -27.52 -5.64
C ILE A 143 -24.72 -28.16 -4.69
N THR A 144 -24.25 -28.73 -3.58
CA THR A 144 -25.13 -29.42 -2.65
C THR A 144 -25.98 -28.45 -1.82
N THR A 145 -25.52 -27.23 -1.62
CA THR A 145 -26.24 -26.25 -0.82
C THR A 145 -26.94 -25.19 -1.69
N LYS A 146 -26.21 -24.54 -2.58
CA LYS A 146 -26.75 -23.60 -3.56
C LYS A 146 -27.39 -22.38 -2.90
N SER A 147 -28.42 -22.60 -2.08
CA SER A 147 -29.15 -21.52 -1.44
C SER A 147 -29.42 -21.86 0.02
N CYS A 148 -29.24 -20.88 0.90
CA CYS A 148 -29.53 -21.09 2.31
C CYS A 148 -29.89 -19.76 2.98
N LEU A 149 -30.16 -19.82 4.28
CA LEU A 149 -30.54 -18.65 5.06
C LEU A 149 -29.95 -18.78 6.46
N LEU A 150 -28.90 -18.00 6.74
CA LEU A 150 -28.32 -17.92 8.07
C LEU A 150 -29.05 -16.87 8.91
N GLY A 151 -28.82 -16.93 10.22
CA GLY A 151 -29.44 -15.97 11.12
C GLY A 151 -28.54 -15.51 12.24
N LEU A 152 -28.57 -14.22 12.55
CA LEU A 152 -27.80 -13.66 13.64
C LEU A 152 -28.56 -12.50 14.25
N GLY A 153 -28.95 -12.64 15.51
CA GLY A 153 -29.71 -11.59 16.17
C GLY A 153 -31.03 -11.35 15.47
N ASP A 154 -31.28 -10.09 15.12
CA ASP A 154 -32.48 -9.70 14.39
C ASP A 154 -32.25 -9.64 12.89
N GLN A 155 -31.16 -10.22 12.40
CA GLN A 155 -30.79 -10.16 10.99
C GLN A 155 -30.80 -11.55 10.37
N ARG A 156 -31.26 -11.63 9.13
CA ARG A 156 -31.17 -12.83 8.32
C ARG A 156 -30.20 -12.61 7.19
N ILE A 157 -29.59 -13.70 6.71
CA ILE A 157 -28.52 -13.65 5.72
C ILE A 157 -28.85 -14.65 4.62
N GLN A 158 -29.23 -14.16 3.45
CA GLN A 158 -29.50 -15.02 2.30
C GLN A 158 -28.16 -15.44 1.68
N VAL A 159 -27.86 -16.74 1.75
CA VAL A 159 -26.60 -17.28 1.26
C VAL A 159 -26.84 -17.83 -0.14
N ASN A 160 -26.13 -17.27 -1.12
CA ASN A 160 -26.21 -17.68 -2.51
C ASN A 160 -24.84 -18.17 -2.98
N TYR A 161 -24.82 -19.33 -3.63
CA TYR A 161 -23.62 -19.87 -4.25
C TYR A 161 -23.72 -19.67 -5.75
N GLU A 162 -22.81 -18.89 -6.32
CA GLU A 162 -22.84 -18.56 -7.74
C GLU A 162 -21.46 -18.76 -8.35
N LYS A 163 -21.42 -19.41 -9.51
CA LYS A 163 -20.16 -19.59 -10.23
C LYS A 163 -19.64 -18.24 -10.69
N THR A 164 -18.35 -17.99 -10.44
CA THR A 164 -17.75 -16.69 -10.70
C THR A 164 -16.38 -16.88 -11.34
N TYR A 165 -16.04 -15.95 -12.24
CA TYR A 165 -14.75 -16.00 -12.92
C TYR A 165 -13.64 -15.43 -12.04
N CYS A 166 -12.46 -16.03 -12.15
CA CYS A 166 -11.25 -15.53 -11.49
C CYS A 166 -11.47 -15.38 -9.98
N VAL A 167 -11.92 -16.46 -9.35
CA VAL A 167 -12.18 -16.43 -7.92
C VAL A 167 -10.90 -16.49 -7.09
N SER A 168 -9.78 -16.93 -7.67
CA SER A 168 -8.55 -17.12 -6.93
C SER A 168 -7.44 -16.16 -7.35
N GLY A 169 -7.60 -15.43 -8.44
CA GLY A 169 -6.58 -14.52 -8.93
C GLY A 169 -7.13 -13.13 -9.13
N GLN A 170 -6.67 -12.48 -10.21
CA GLN A 170 -7.07 -11.12 -10.53
C GLN A 170 -7.21 -10.99 -12.04
N LEU A 171 -8.16 -10.16 -12.47
CA LEU A 171 -8.36 -9.91 -13.89
C LEU A 171 -7.41 -8.81 -14.35
N ILE A 172 -6.55 -9.14 -15.31
CA ILE A 172 -5.66 -8.18 -15.95
C ILE A 172 -6.13 -8.03 -17.39
N GLU A 173 -6.68 -6.85 -17.71
CA GLU A 173 -7.14 -6.52 -19.06
C GLU A 173 -8.07 -7.60 -19.61
N GLY A 174 -8.89 -8.17 -18.73
CA GLY A 174 -9.89 -9.15 -19.13
C GLY A 174 -9.47 -10.59 -19.04
N ILE A 175 -8.20 -10.87 -18.74
CA ILE A 175 -7.69 -12.24 -18.65
C ILE A 175 -7.36 -12.54 -17.20
N CYS A 176 -7.81 -13.70 -16.71
CA CYS A 176 -7.56 -14.09 -15.32
C CYS A 176 -6.11 -14.52 -15.14
N PHE A 177 -5.50 -14.05 -14.06
CA PHE A 177 -4.14 -14.41 -13.69
C PHE A 177 -4.15 -14.90 -12.25
N ASN A 178 -3.67 -16.12 -12.03
CA ASN A 178 -3.59 -16.68 -10.68
C ASN A 178 -2.18 -16.55 -10.13
N PRO A 179 -2.03 -16.50 -8.81
CA PRO A 179 -0.70 -16.45 -8.21
C PRO A 179 0.15 -17.65 -8.63
N VAL A 180 1.46 -17.41 -8.78
CA VAL A 180 2.37 -18.47 -9.18
C VAL A 180 2.35 -19.59 -8.15
N HIS A 181 2.32 -20.83 -8.64
CA HIS A 181 2.26 -22.00 -7.78
C HIS A 181 3.67 -22.51 -7.52
N THR A 182 4.16 -22.35 -6.29
CA THR A 182 5.43 -22.91 -5.87
C THR A 182 5.45 -23.14 -4.37
N GLN A 187 9.60 -20.28 -7.18
CA GLN A 187 9.88 -18.88 -7.55
C GLN A 187 11.25 -18.78 -8.19
N PRO A 188 11.39 -19.27 -9.43
CA PRO A 188 12.71 -19.30 -10.06
C PRO A 188 13.11 -17.97 -10.68
N SER A 189 12.15 -17.26 -11.26
CA SER A 189 12.45 -16.04 -12.00
C SER A 189 12.65 -14.86 -11.05
N HIS A 190 12.51 -13.64 -11.57
CA HIS A 190 12.71 -12.44 -10.76
C HIS A 190 11.42 -11.66 -10.53
N THR A 191 11.15 -10.69 -11.41
CA THR A 191 9.99 -9.81 -11.28
C THR A 191 9.21 -9.78 -12.58
N TYR A 192 7.93 -10.15 -12.52
CA TYR A 192 7.06 -10.14 -13.70
C TYR A 192 5.62 -9.79 -13.35
N ASP A 193 4.66 -10.45 -14.01
CA ASP A 193 3.25 -10.11 -13.90
C ASP A 193 2.74 -10.25 -12.46
N ILE A 194 2.37 -9.12 -11.86
CA ILE A 194 1.96 -9.07 -10.45
C ILE A 194 0.45 -8.93 -10.38
N VAL A 195 -0.18 -9.77 -9.56
CA VAL A 195 -1.60 -9.66 -9.27
C VAL A 195 -1.76 -9.20 -7.82
N THR A 196 -2.91 -8.61 -7.53
CA THR A 196 -3.24 -8.15 -6.19
C THR A 196 -4.52 -8.84 -5.75
N VAL A 197 -4.39 -9.75 -4.80
CA VAL A 197 -5.51 -10.58 -4.36
C VAL A 197 -5.82 -10.28 -2.89
N MET A 198 -7.08 -10.46 -2.53
CA MET A 198 -7.54 -10.30 -1.16
C MET A 198 -7.33 -11.57 -0.38
N VAL A 199 -6.84 -11.44 0.85
CA VAL A 199 -6.69 -12.57 1.76
C VAL A 199 -7.49 -12.29 3.02
N ARG A 200 -8.13 -13.33 3.55
CA ARG A 200 -8.85 -13.27 4.82
C ARG A 200 -8.24 -14.31 5.75
N CYS A 201 -7.55 -13.85 6.78
CA CYS A 201 -6.82 -14.71 7.70
C CYS A 201 -7.58 -14.87 9.01
N PHE A 202 -7.34 -16.00 9.67
CA PHE A 202 -8.01 -16.34 10.91
C PHE A 202 -6.97 -16.85 11.91
N LEU A 203 -6.99 -16.29 13.11
CA LEU A 203 -6.02 -16.65 14.15
C LEU A 203 -6.36 -18.02 14.72
N ILE A 204 -5.32 -18.84 14.89
CA ILE A 204 -5.45 -20.19 15.42
C ILE A 204 -4.53 -20.33 16.63
N VAL A 205 -5.05 -20.95 17.68
CA VAL A 205 -4.29 -21.19 18.91
C VAL A 205 -3.79 -22.63 18.88
N LYS A 206 -2.47 -22.80 19.00
CA LYS A 206 -1.86 -24.13 18.95
C LYS A 206 -0.57 -24.08 19.75
N LYS A 207 -0.54 -24.78 20.88
CA LYS A 207 0.59 -24.79 21.78
C LYS A 207 1.44 -26.04 21.57
N VAL A 208 2.74 -25.91 21.80
CA VAL A 208 3.66 -27.03 21.78
C VAL A 208 4.44 -27.04 23.09
N THR A 209 5.07 -28.18 23.38
CA THR A 209 5.59 -28.43 24.72
C THR A 209 6.90 -27.71 25.00
N THR A 210 7.75 -27.52 24.00
CA THR A 210 9.11 -27.09 24.29
C THR A 210 9.59 -25.91 23.44
N GLY A 211 9.45 -26.00 22.13
CA GLY A 211 10.12 -25.08 21.25
C GLY A 211 9.51 -23.69 21.21
N ASP A 212 10.21 -22.80 20.51
CA ASP A 212 9.72 -21.46 20.19
C ASP A 212 9.06 -21.39 18.83
N SER A 213 8.77 -22.54 18.21
CA SER A 213 8.31 -22.56 16.83
C SER A 213 6.92 -21.94 16.66
N MET A 214 6.12 -21.88 17.72
CA MET A 214 4.76 -21.35 17.63
C MET A 214 4.66 -19.90 18.08
N LYS A 215 5.76 -19.30 18.54
CA LYS A 215 5.77 -17.89 18.95
C LYS A 215 5.80 -17.02 17.70
N ILE A 216 4.63 -16.84 17.09
CA ILE A 216 4.53 -16.09 15.84
C ILE A 216 4.89 -14.63 16.05
N GLU A 217 4.66 -14.10 17.25
CA GLU A 217 5.00 -12.70 17.52
C GLU A 217 6.50 -12.46 17.42
N LYS A 218 7.31 -13.49 17.65
CA LYS A 218 8.76 -13.34 17.45
C LYS A 218 9.09 -13.18 15.98
N SER A 219 8.26 -13.72 15.08
CA SER A 219 8.48 -13.52 13.66
C SER A 219 8.15 -12.10 13.24
N PHE A 220 7.11 -11.50 13.82
CA PHE A 220 6.78 -10.11 13.53
C PHE A 220 7.87 -9.17 14.05
N GLU A 221 8.37 -9.42 15.26
CA GLU A 221 9.43 -8.58 15.80
C GLU A 221 10.71 -8.69 14.98
N THR A 222 10.95 -9.85 14.36
CA THR A 222 12.08 -9.99 13.46
C THR A 222 11.87 -9.18 12.19
N LEU A 223 10.65 -9.19 11.64
CA LEU A 223 10.37 -8.47 10.40
C LEU A 223 10.47 -6.96 10.58
N VAL A 224 10.09 -6.45 11.75
CA VAL A 224 10.26 -5.04 12.06
C VAL A 224 11.60 -4.73 12.72
N GLN A 225 12.49 -5.72 12.86
CA GLN A 225 13.84 -5.51 13.39
C GLN A 225 13.84 -4.91 14.78
N LYS A 226 12.95 -5.41 15.63
CA LYS A 226 12.85 -4.99 17.02
C LYS A 226 13.50 -6.05 17.90
N THR A 227 14.58 -5.69 18.57
CA THR A 227 15.33 -6.60 19.42
C THR A 227 15.02 -6.36 20.88
N GLY A 228 15.09 -7.42 21.67
CA GLY A 228 15.03 -7.33 23.11
C GLY A 228 13.67 -7.57 23.74
N CYS A 229 12.63 -7.85 22.95
CA CYS A 229 11.31 -8.08 23.52
C CYS A 229 11.22 -9.50 24.09
N THR A 230 10.55 -9.62 25.24
CA THR A 230 10.32 -10.91 25.87
C THR A 230 8.85 -11.20 26.13
N ASP A 231 7.94 -10.32 25.71
CA ASP A 231 6.51 -10.49 25.91
C ASP A 231 5.83 -11.05 24.66
N ASN A 232 6.40 -12.11 24.11
CA ASN A 232 5.93 -12.74 22.88
C ASN A 232 5.70 -14.23 23.08
N GLY A 233 5.10 -14.59 24.22
CA GLY A 233 4.92 -15.99 24.56
C GLY A 233 3.72 -16.67 23.92
N PHE A 234 2.88 -15.92 23.20
CA PHE A 234 1.71 -16.51 22.57
C PHE A 234 2.12 -17.58 21.56
N GLN A 235 1.37 -18.67 21.52
CA GLN A 235 1.63 -19.79 20.63
C GLN A 235 0.43 -19.99 19.71
N GLY A 236 0.65 -19.83 18.41
CA GLY A 236 -0.42 -19.99 17.46
C GLY A 236 0.05 -19.61 16.06
N TYR A 237 -0.92 -19.54 15.15
CA TYR A 237 -0.63 -19.22 13.77
C TYR A 237 -1.90 -18.69 13.11
N TYR A 238 -1.80 -18.36 11.82
CA TYR A 238 -2.91 -17.85 11.03
C TYR A 238 -3.18 -18.78 9.85
N VAL A 239 -4.46 -18.93 9.51
CA VAL A 239 -4.89 -19.65 8.32
C VAL A 239 -5.56 -18.66 7.38
N CYS A 240 -4.97 -18.45 6.22
CA CYS A 240 -5.45 -17.48 5.25
C CYS A 240 -6.15 -18.19 4.09
N LEU A 241 -7.07 -17.46 3.46
CA LEU A 241 -7.72 -17.89 2.23
C LEU A 241 -7.64 -16.77 1.22
N ILE A 242 -7.19 -17.10 0.01
CA ILE A 242 -6.94 -16.10 -1.03
C ILE A 242 -8.20 -15.94 -1.87
N GLY A 243 -8.59 -14.69 -2.11
CA GLY A 243 -9.77 -14.42 -2.92
C GLY A 243 -11.02 -14.97 -2.26
N SER A 244 -11.91 -15.53 -3.10
CA SER A 244 -13.12 -16.19 -2.62
C SER A 244 -13.00 -17.70 -2.63
N SER A 245 -11.96 -18.25 -3.26
CA SER A 245 -11.79 -19.70 -3.37
C SER A 245 -10.32 -20.01 -3.54
N SER A 246 -9.78 -20.84 -2.64
CA SER A 246 -8.39 -21.29 -2.72
C SER A 246 -8.19 -22.39 -1.69
N GLU A 247 -7.00 -22.98 -1.70
CA GLU A 247 -6.60 -23.89 -0.63
C GLU A 247 -6.14 -23.09 0.58
N PRO A 248 -6.40 -23.59 1.79
CA PRO A 248 -5.99 -22.86 3.00
C PRO A 248 -4.48 -22.67 3.03
N LEU A 249 -4.06 -21.51 3.54
CA LEU A 249 -2.66 -21.12 3.58
C LEU A 249 -2.22 -21.00 5.03
N TYR A 250 -1.13 -21.70 5.38
CA TYR A 250 -0.58 -21.69 6.73
C TYR A 250 0.41 -20.54 6.85
N ILE A 251 0.21 -19.67 7.84
CA ILE A 251 1.09 -18.55 8.12
C ILE A 251 1.67 -18.75 9.50
N PRO A 252 3.01 -18.83 9.66
CA PRO A 252 3.98 -18.73 8.57
C PRO A 252 4.51 -20.07 8.05
N THR A 253 4.69 -20.17 6.75
CA THR A 253 5.39 -21.28 6.11
C THR A 253 6.68 -20.74 5.52
N LEU A 254 7.80 -21.34 5.93
CA LEU A 254 9.12 -20.75 5.70
C LEU A 254 9.61 -20.86 4.26
N ASP A 255 8.97 -21.69 3.43
CA ASP A 255 9.37 -21.86 2.04
C ASP A 255 8.31 -21.37 1.07
N ASP A 256 7.18 -20.89 1.56
CA ASP A 256 6.10 -20.38 0.71
C ASP A 256 6.27 -18.87 0.56
N TYR A 257 6.45 -18.41 -0.69
CA TYR A 257 6.59 -16.98 -0.93
C TYR A 257 5.32 -16.22 -0.57
N ARG A 258 4.16 -16.86 -0.73
CA ARG A 258 2.91 -16.23 -0.32
C ARG A 258 2.87 -16.02 1.19
N SER A 259 3.39 -16.97 1.95
CA SER A 259 3.40 -16.83 3.41
C SER A 259 4.27 -15.66 3.85
N ALA A 260 5.46 -15.53 3.27
CA ALA A 260 6.35 -14.43 3.65
C ALA A 260 5.76 -13.08 3.29
N GLU A 261 5.04 -12.99 2.17
CA GLU A 261 4.43 -11.72 1.78
C GLU A 261 3.21 -11.39 2.62
N VAL A 262 2.39 -12.40 2.96
CA VAL A 262 1.25 -12.16 3.85
C VAL A 262 1.74 -11.77 5.23
N LEU A 263 2.79 -12.43 5.72
CA LEU A 263 3.35 -12.08 7.02
C LEU A 263 3.92 -10.66 7.02
N SER A 264 4.56 -10.27 5.92
CA SER A 264 5.14 -8.92 5.83
C SER A 264 4.03 -7.87 5.84
N ARG A 265 2.94 -8.11 5.11
CA ARG A 265 1.83 -7.16 5.10
C ARG A 265 1.20 -7.01 6.49
N MET A 266 1.19 -8.10 7.26
CA MET A 266 0.67 -8.01 8.64
C MET A 266 1.59 -7.17 9.51
N ALA A 267 2.91 -7.33 9.34
CA ALA A 267 3.85 -6.64 10.21
C ALA A 267 3.75 -5.12 10.07
N PHE A 268 3.44 -4.62 8.87
CA PHE A 268 3.38 -3.20 8.62
C PHE A 268 1.94 -2.67 8.57
N ALA A 269 0.95 -3.55 8.68
CA ALA A 269 -0.46 -3.17 8.81
C ALA A 269 -1.12 -4.15 9.76
N PRO A 270 -0.82 -4.05 11.06
CA PRO A 270 -1.28 -5.08 12.00
C PRO A 270 -2.80 -5.18 12.11
N HIS A 271 -3.53 -4.08 11.90
CA HIS A 271 -4.97 -4.11 12.00
C HIS A 271 -5.65 -4.39 10.66
N GLY A 272 -4.87 -4.57 9.59
CA GLY A 272 -5.40 -4.90 8.29
C GLY A 272 -6.44 -3.89 7.80
N GLU A 273 -7.28 -4.39 6.92
CA GLU A 273 -8.35 -3.58 6.33
C GLU A 273 -9.44 -3.31 7.37
N ASP A 274 -10.15 -2.22 7.17
CA ASP A 274 -11.28 -1.85 8.01
C ASP A 274 -12.55 -2.45 7.44
N HIS A 275 -13.58 -2.49 8.29
CA HIS A 275 -14.90 -2.95 7.86
C HIS A 275 -15.85 -1.77 7.80
N ASP A 276 -15.42 -0.70 7.12
CA ASP A 276 -16.17 0.55 7.10
C ASP A 276 -17.43 0.44 6.26
N ILE A 277 -18.46 1.17 6.69
CA ILE A 277 -19.66 1.38 5.89
C ILE A 277 -19.46 2.72 5.21
N GLU A 278 -18.93 2.69 3.99
CA GLU A 278 -18.54 3.90 3.28
C GLU A 278 -19.72 4.77 2.84
N LYS A 279 -20.96 4.52 3.27
CA LYS A 279 -22.03 5.48 3.04
C LYS A 279 -21.70 6.77 3.78
N ASN A 280 -22.18 7.89 3.23
CA ASN A 280 -21.89 9.25 3.72
C ASN A 280 -20.43 9.63 3.43
N ALA A 281 -19.51 8.69 3.65
CA ALA A 281 -18.08 8.88 3.37
C ALA A 281 -17.50 10.06 4.14
N ILE A 282 -17.99 10.28 5.36
CA ILE A 282 -17.47 11.32 6.24
C ILE A 282 -16.68 10.61 7.34
N SER A 283 -15.36 10.52 7.15
CA SER A 283 -14.49 9.83 8.10
C SER A 283 -13.97 10.84 9.10
N ALA A 284 -14.71 11.02 10.20
CA ALA A 284 -14.33 11.91 11.28
C ALA A 284 -14.53 11.19 12.60
N MET A 285 -13.53 11.29 13.48
CA MET A 285 -13.60 10.65 14.78
C MET A 285 -12.83 11.49 15.79
N ARG A 286 -13.02 11.16 17.07
CA ARG A 286 -12.39 11.88 18.16
C ARG A 286 -11.44 10.93 18.89
N ILE A 287 -10.17 11.33 19.00
CA ILE A 287 -9.15 10.53 19.68
C ILE A 287 -9.19 10.89 21.16
N VAL A 288 -9.69 9.97 21.99
CA VAL A 288 -9.79 10.24 23.42
C VAL A 288 -8.41 10.20 24.07
N GLY A 289 -7.57 9.25 23.65
CA GLY A 289 -6.21 9.21 24.15
C GLY A 289 -5.65 7.83 24.39
N LYS A 290 -4.38 7.76 24.76
CA LYS A 290 -3.74 6.48 25.04
C LYS A 290 -4.19 5.95 26.38
N VAL A 291 -4.56 4.67 26.42
CA VAL A 291 -5.12 4.04 27.61
C VAL A 291 -4.46 2.69 27.82
N THR A 292 -4.45 2.25 29.08
CA THR A 292 -4.00 0.91 29.44
C THR A 292 -5.09 0.23 30.26
N GLY A 293 -5.04 -1.11 30.29
CA GLY A 293 -6.07 -1.87 30.98
C GLY A 293 -5.53 -3.16 31.55
N LYS A 294 -6.39 -3.81 32.35
CA LYS A 294 -6.06 -5.07 33.00
C LYS A 294 -6.74 -6.20 32.24
N ALA A 295 -5.92 -7.07 31.63
CA ALA A 295 -6.42 -8.24 30.90
C ALA A 295 -5.61 -9.46 31.32
N PRO A 296 -6.19 -10.39 32.09
CA PRO A 296 -7.57 -10.36 32.59
C PRO A 296 -7.78 -9.33 33.70
N SER A 297 -9.05 -9.04 34.00
CA SER A 297 -9.38 -8.02 34.99
C SER A 297 -8.99 -8.42 36.40
N THR A 298 -8.69 -9.70 36.65
CA THR A 298 -8.20 -10.13 37.95
C THR A 298 -6.70 -9.92 38.11
N GLU A 299 -6.02 -9.41 37.09
CA GLU A 299 -4.61 -9.13 37.18
C GLU A 299 -4.35 -7.96 38.13
N SER A 300 -3.15 -7.94 38.69
CA SER A 300 -2.75 -6.88 39.62
C SER A 300 -2.12 -5.68 38.93
N SER A 301 -1.84 -5.78 37.64
CA SER A 301 -1.22 -4.68 36.90
C SER A 301 -1.80 -4.62 35.49
N ASP A 302 -1.56 -3.49 34.82
CA ASP A 302 -2.03 -3.33 33.45
C ASP A 302 -1.24 -4.24 32.51
N THR A 303 -1.96 -4.89 31.60
CA THR A 303 -1.36 -5.83 30.67
C THR A 303 -1.59 -5.49 29.20
N VAL A 304 -2.52 -4.61 28.89
CA VAL A 304 -2.84 -4.25 27.51
C VAL A 304 -3.03 -2.75 27.43
N GLN A 305 -2.61 -2.15 26.31
CA GLN A 305 -2.79 -0.73 26.06
C GLN A 305 -3.45 -0.53 24.71
N GLY A 306 -3.78 0.72 24.40
CA GLY A 306 -4.42 1.03 23.14
C GLY A 306 -4.78 2.50 23.06
N ILE A 307 -5.59 2.83 22.07
CA ILE A 307 -6.05 4.19 21.84
C ILE A 307 -7.57 4.21 21.97
N ALA A 308 -8.07 4.98 22.91
CA ALA A 308 -9.51 5.17 23.06
C ALA A 308 -10.00 6.20 22.06
N PHE A 309 -11.12 5.91 21.40
CA PHE A 309 -11.65 6.77 20.36
C PHE A 309 -13.16 6.89 20.50
N SER A 310 -13.72 7.83 19.76
CA SER A 310 -15.17 8.02 19.68
C SER A 310 -15.54 8.26 18.23
N GLY A 311 -16.44 7.43 17.71
CA GLY A 311 -16.84 7.56 16.31
C GLY A 311 -17.57 6.32 15.85
N ASN A 312 -17.68 6.18 14.53
CA ASN A 312 -18.32 5.00 13.97
C ASN A 312 -17.40 3.79 14.08
N PRO A 313 -17.96 2.58 14.16
CA PRO A 313 -17.11 1.38 14.21
C PRO A 313 -16.29 1.24 12.94
N LEU A 314 -14.98 1.03 13.12
CA LEU A 314 -14.05 0.97 11.99
C LEU A 314 -13.27 -0.34 11.99
N TYR A 315 -12.36 -0.55 12.93
CA TYR A 315 -11.50 -1.73 12.93
C TYR A 315 -12.02 -2.77 13.92
N THR A 316 -11.44 -3.97 13.81
CA THR A 316 -11.80 -5.06 14.69
C THR A 316 -11.49 -4.71 16.15
N SER A 317 -12.34 -5.18 17.06
CA SER A 317 -12.22 -4.87 18.47
C SER A 317 -11.87 -6.10 19.31
N THR A 318 -11.41 -7.18 18.66
CA THR A 318 -11.10 -8.42 19.36
C THR A 318 -9.68 -8.84 19.06
N GLY A 319 -9.03 -9.46 20.05
CA GLY A 319 -7.67 -9.90 19.88
C GLY A 319 -7.21 -10.72 21.08
N VAL A 320 -5.96 -11.16 21.00
CA VAL A 320 -5.32 -11.90 22.09
C VAL A 320 -4.03 -11.19 22.48
N LEU A 321 -3.68 -11.27 23.76
CA LEU A 321 -2.40 -10.76 24.20
C LEU A 321 -1.27 -11.62 23.63
N THR A 322 -0.24 -10.97 23.12
CA THR A 322 0.94 -11.66 22.63
C THR A 322 1.84 -12.18 23.75
N ALA A 323 1.50 -11.88 25.01
CA ALA A 323 2.38 -12.20 26.13
C ALA A 323 2.16 -13.60 26.68
N LYS A 324 0.90 -14.06 26.73
CA LYS A 324 0.57 -15.34 27.33
C LYS A 324 0.23 -16.37 26.25
N ASP A 325 0.78 -17.58 26.40
CA ASP A 325 0.41 -18.66 25.51
C ASP A 325 -0.96 -19.23 25.83
N ASP A 326 -1.34 -19.23 27.10
CA ASP A 326 -2.74 -19.45 27.43
C ASP A 326 -3.53 -18.25 26.90
N PRO A 327 -4.39 -18.41 25.90
CA PRO A 327 -4.92 -17.25 25.18
C PRO A 327 -5.79 -16.38 26.08
N VAL A 328 -5.42 -15.11 26.18
CA VAL A 328 -6.18 -14.11 26.91
C VAL A 328 -6.93 -13.28 25.88
N TYR A 329 -8.22 -13.58 25.71
CA TYR A 329 -9.03 -12.90 24.71
C TYR A 329 -9.53 -11.57 25.25
N VAL A 330 -9.36 -10.51 24.48
CA VAL A 330 -9.73 -9.16 24.87
C VAL A 330 -10.75 -8.62 23.87
N TRP A 331 -11.88 -8.16 24.37
CA TRP A 331 -12.90 -7.47 23.58
C TRP A 331 -12.95 -6.03 24.06
N ALA A 332 -12.42 -5.11 23.25
CA ALA A 332 -12.27 -3.71 23.64
C ALA A 332 -13.10 -2.82 22.71
N PRO A 333 -14.40 -2.70 22.95
CA PRO A 333 -15.22 -1.79 22.13
C PRO A 333 -14.86 -0.35 22.43
N GLY A 334 -14.68 0.44 21.37
CA GLY A 334 -14.29 1.82 21.52
C GLY A 334 -12.82 2.07 21.78
N ILE A 335 -11.99 1.03 21.70
CA ILE A 335 -10.55 1.14 21.92
C ILE A 335 -9.84 0.36 20.82
N MET A 336 -8.92 1.02 20.12
CA MET A 336 -8.05 0.35 19.16
C MET A 336 -6.86 -0.23 19.92
N MET A 337 -6.82 -1.55 20.05
CA MET A 337 -5.80 -2.19 20.86
C MET A 337 -4.43 -2.09 20.20
N GLU A 338 -3.40 -2.07 21.03
CA GLU A 338 -2.02 -1.91 20.56
C GLU A 338 -1.62 -3.11 19.70
N GLY A 339 -1.29 -2.85 18.44
CA GLY A 339 -0.90 -3.91 17.54
C GLY A 339 0.44 -3.67 16.88
N ASN A 340 1.06 -2.52 17.15
CA ASN A 340 2.36 -2.20 16.58
C ASN A 340 3.40 -3.18 17.12
N HIS A 341 4.05 -3.91 16.20
CA HIS A 341 5.02 -4.92 16.59
C HIS A 341 6.33 -4.34 17.08
N SER A 342 6.58 -3.04 16.87
CA SER A 342 7.83 -2.45 17.31
C SER A 342 7.88 -2.22 18.81
N VAL A 343 6.74 -2.19 19.50
CA VAL A 343 6.74 -2.14 20.95
C VAL A 343 6.99 -3.54 21.50
N CYS A 344 7.36 -3.61 22.78
CA CYS A 344 7.57 -4.89 23.44
C CYS A 344 6.43 -5.28 24.38
N ASP A 345 5.84 -4.31 25.07
CA ASP A 345 4.88 -4.58 26.13
C ASP A 345 3.46 -4.28 25.67
N LYS A 346 2.51 -5.11 26.14
CA LYS A 346 1.08 -4.84 26.06
C LYS A 346 0.55 -4.80 24.62
N LYS A 347 1.09 -5.64 23.74
CA LYS A 347 0.65 -5.71 22.35
C LYS A 347 -0.31 -6.88 22.16
N THR A 348 -1.12 -6.78 21.11
CA THR A 348 -2.15 -7.77 20.81
C THR A 348 -2.07 -8.21 19.36
N LEU A 349 -2.68 -9.37 19.08
CA LEU A 349 -2.81 -9.90 17.75
C LEU A 349 -4.29 -10.02 17.39
N PRO A 350 -4.71 -9.63 16.20
CA PRO A 350 -6.14 -9.65 15.87
C PRO A 350 -6.64 -11.06 15.63
N LEU A 351 -7.95 -11.23 15.85
CA LEU A 351 -8.58 -12.52 15.61
C LEU A 351 -8.77 -12.78 14.11
N THR A 352 -9.14 -11.74 13.36
CA THR A 352 -9.28 -11.83 11.92
C THR A 352 -8.47 -10.71 11.28
N TRP A 353 -8.00 -10.96 10.06
CA TRP A 353 -7.14 -10.01 9.36
C TRP A 353 -7.44 -10.06 7.88
N THR A 354 -7.79 -8.91 7.29
CA THR A 354 -8.09 -8.80 5.87
C THR A 354 -7.08 -7.85 5.23
N GLY A 355 -6.48 -8.30 4.13
CA GLY A 355 -5.50 -7.49 3.43
C GLY A 355 -5.49 -7.80 1.95
N PHE A 356 -4.72 -6.99 1.22
CA PHE A 356 -4.52 -7.16 -0.20
C PHE A 356 -3.04 -7.42 -0.46
N ILE A 357 -2.74 -8.50 -1.17
CA ILE A 357 -1.39 -9.05 -1.26
C ILE A 357 -0.93 -8.93 -2.71
N PRO A 358 0.23 -8.34 -2.97
CA PRO A 358 0.79 -8.38 -4.32
C PRO A 358 1.62 -9.64 -4.54
N LEU A 359 1.23 -10.46 -5.51
CA LEU A 359 1.91 -11.72 -5.77
C LEU A 359 2.20 -11.88 -7.25
N PRO A 360 3.29 -12.55 -7.61
CA PRO A 360 3.53 -12.87 -9.01
C PRO A 360 2.42 -13.76 -9.56
N GLY A 361 2.00 -13.47 -10.79
CA GLY A 361 0.86 -14.14 -11.37
C GLY A 361 1.13 -14.88 -12.66
N GLU A 362 0.21 -15.78 -13.02
CA GLU A 362 0.28 -16.51 -14.28
C GLU A 362 -1.14 -16.80 -14.75
N ILE A 363 -1.28 -16.95 -16.07
CA ILE A 363 -2.60 -17.13 -16.67
C ILE A 363 -3.14 -18.51 -16.30
N GLU A 364 -4.46 -18.58 -16.07
CA GLU A 364 -5.13 -19.85 -15.77
C GLU A 364 -4.88 -20.88 -16.87
N GLU B 409 16.30 5.59 -57.88
CA GLU B 409 15.00 5.99 -57.32
C GLU B 409 14.43 4.88 -56.43
N THR B 410 13.93 5.27 -55.26
CA THR B 410 13.35 4.30 -54.34
C THR B 410 11.95 3.91 -54.81
N GLN B 411 11.50 2.73 -54.36
CA GLN B 411 10.20 2.20 -54.72
C GLN B 411 9.55 1.65 -53.46
N ASN B 412 8.46 2.28 -53.02
CA ASN B 412 7.80 1.93 -51.77
C ASN B 412 6.88 0.74 -52.01
N LEU B 413 7.40 -0.46 -51.77
CA LEU B 413 6.61 -1.68 -51.90
C LEU B 413 5.63 -1.79 -50.73
N ASN B 414 4.57 -2.56 -50.96
CA ASN B 414 3.60 -2.85 -49.92
C ASN B 414 3.31 -4.34 -49.88
N SER B 415 2.87 -4.81 -48.73
CA SER B 415 2.63 -6.24 -48.53
C SER B 415 1.34 -6.66 -49.26
N GLY B 416 1.34 -7.91 -49.70
CA GLY B 416 0.20 -8.48 -50.40
C GLY B 416 0.67 -9.31 -51.58
N TRP B 417 -0.15 -10.28 -51.97
CA TRP B 417 0.15 -11.16 -53.09
C TRP B 417 -0.56 -10.67 -54.35
N THR B 418 0.13 -10.78 -55.48
CA THR B 418 -0.39 -10.39 -56.78
C THR B 418 -0.33 -11.58 -57.72
N ASP B 419 -1.45 -11.87 -58.39
CA ASP B 419 -1.49 -12.97 -59.34
C ASP B 419 -0.56 -12.70 -60.52
N THR B 420 0.38 -13.61 -60.74
CA THR B 420 1.32 -13.52 -61.85
C THR B 420 1.22 -14.77 -62.71
N ALA B 421 1.52 -14.61 -63.99
CA ALA B 421 1.58 -15.75 -64.90
C ALA B 421 2.89 -16.51 -64.71
N HIS B 422 3.04 -17.61 -65.44
CA HIS B 422 4.26 -18.40 -65.36
C HIS B 422 5.45 -17.58 -65.81
N GLY B 423 6.59 -17.83 -65.18
CA GLY B 423 7.83 -17.19 -65.55
C GLY B 423 8.73 -16.96 -64.36
N SER B 424 10.00 -16.72 -64.65
CA SER B 424 11.01 -16.39 -63.65
C SER B 424 11.98 -15.40 -64.26
N GLY B 425 12.18 -14.28 -63.57
CA GLY B 425 12.99 -13.20 -64.13
C GLY B 425 14.44 -13.62 -64.28
N VAL B 426 15.01 -13.36 -65.47
CA VAL B 426 16.41 -13.63 -65.75
C VAL B 426 17.11 -12.29 -66.01
N ILE B 427 18.21 -12.06 -65.30
CA ILE B 427 18.94 -10.79 -65.41
C ILE B 427 20.33 -11.04 -65.97
N PRO B 428 20.61 -10.62 -67.20
CA PRO B 428 21.99 -10.70 -67.72
C PRO B 428 22.86 -9.65 -67.06
N MET B 429 23.94 -10.11 -66.41
CA MET B 429 24.77 -9.24 -65.58
C MET B 429 25.77 -8.48 -66.45
N ARG B 430 25.25 -7.50 -67.19
CA ARG B 430 26.11 -6.57 -67.90
C ARG B 430 26.59 -5.44 -66.99
N THR B 431 25.77 -5.07 -66.00
CA THR B 431 26.12 -4.06 -65.01
C THR B 431 25.81 -4.59 -63.62
N ASP B 432 26.18 -3.80 -62.62
CA ASP B 432 25.83 -4.15 -61.24
C ASP B 432 24.32 -4.13 -61.07
N LEU B 433 23.78 -5.21 -60.51
CA LEU B 433 22.36 -5.27 -60.19
C LEU B 433 22.10 -4.43 -58.95
N GLU B 434 21.33 -3.36 -59.11
CA GLU B 434 21.05 -2.41 -58.03
C GLU B 434 19.57 -2.45 -57.68
N LEU B 435 19.27 -2.53 -56.39
CA LEU B 435 17.91 -2.52 -55.89
C LEU B 435 17.77 -1.41 -54.86
N ASP B 436 16.81 -0.52 -55.07
CA ASP B 436 16.49 0.54 -54.13
C ASP B 436 14.99 0.51 -53.87
N PHE B 437 14.60 0.20 -52.63
CA PHE B 437 13.21 0.01 -52.30
C PHE B 437 13.01 0.24 -50.81
N SER B 438 11.79 0.61 -50.43
CA SER B 438 11.40 0.74 -49.03
C SER B 438 10.20 -0.16 -48.78
N LEU B 439 10.29 -0.98 -47.75
CA LEU B 439 9.23 -1.89 -47.40
C LEU B 439 8.78 -1.66 -45.96
N PRO B 440 7.51 -1.92 -45.64
CA PRO B 440 7.05 -1.76 -44.27
C PRO B 440 7.65 -2.84 -43.37
N SER B 441 7.69 -2.53 -42.08
CA SER B 441 8.06 -3.55 -41.11
C SER B 441 6.95 -4.59 -41.01
N SER B 442 7.25 -5.69 -40.32
CA SER B 442 6.37 -6.85 -40.24
C SER B 442 6.05 -7.43 -41.62
N ALA B 443 6.82 -7.06 -42.63
CA ALA B 443 6.63 -7.54 -44.00
C ALA B 443 7.93 -8.14 -44.47
N SER B 444 7.92 -9.45 -44.73
CA SER B 444 9.10 -10.12 -45.24
C SER B 444 9.19 -9.98 -46.76
N TYR B 445 10.40 -9.78 -47.25
CA TYR B 445 10.65 -9.53 -48.66
C TYR B 445 11.33 -10.73 -49.29
N THR B 446 10.85 -11.12 -50.47
CA THR B 446 11.40 -12.25 -51.23
C THR B 446 11.67 -11.79 -52.65
N TYR B 447 12.95 -11.58 -52.98
CA TYR B 447 13.36 -11.15 -54.31
C TYR B 447 14.17 -12.27 -54.94
N ARG B 448 13.68 -12.81 -56.06
CA ARG B 448 14.28 -13.95 -56.72
C ARG B 448 14.54 -13.63 -58.19
N ARG B 449 15.78 -13.84 -58.62
CA ARG B 449 16.15 -13.66 -60.02
C ARG B 449 17.19 -14.71 -60.39
N GLN B 450 17.29 -14.98 -61.69
CA GLN B 450 18.36 -15.81 -62.24
C GLN B 450 19.39 -14.90 -62.90
N LEU B 451 20.59 -14.86 -62.34
CA LEU B 451 21.66 -14.00 -62.83
C LEU B 451 22.45 -14.74 -63.91
N GLN B 452 22.45 -14.21 -65.13
CA GLN B 452 23.03 -14.88 -66.28
C GLN B 452 24.28 -14.14 -66.74
N ASN B 453 25.31 -14.91 -67.08
CA ASN B 453 26.56 -14.34 -67.57
C ASN B 453 26.39 -13.88 -69.01
N PRO B 454 26.68 -12.62 -69.35
CA PRO B 454 26.55 -12.17 -70.74
C PRO B 454 27.29 -13.05 -71.74
N ALA B 455 28.53 -13.43 -71.44
CA ALA B 455 29.21 -14.46 -72.21
C ALA B 455 28.81 -15.82 -71.68
N ASN B 456 28.65 -16.79 -72.58
CA ASN B 456 28.13 -18.11 -72.22
C ASN B 456 26.77 -17.95 -71.55
N GLU B 457 25.73 -17.76 -72.35
CA GLU B 457 24.39 -17.52 -71.82
C GLU B 457 23.81 -18.71 -71.08
N GLN B 458 24.46 -19.88 -71.15
CA GLN B 458 24.01 -21.07 -70.43
C GLN B 458 24.55 -21.12 -69.01
N GLU B 459 25.25 -20.07 -68.56
CA GLU B 459 25.68 -19.95 -67.18
C GLU B 459 24.69 -19.05 -66.46
N LYS B 460 23.69 -19.65 -65.81
CA LYS B 460 22.69 -18.93 -65.05
C LYS B 460 22.77 -19.33 -63.59
N ILE B 461 22.84 -18.34 -62.71
CA ILE B 461 22.98 -18.59 -61.28
C ILE B 461 21.71 -18.12 -60.57
N PRO B 462 21.23 -18.85 -59.56
CA PRO B 462 20.07 -18.38 -58.80
C PRO B 462 20.46 -17.32 -57.79
N PHE B 463 19.62 -16.30 -57.68
CA PHE B 463 19.79 -15.25 -56.67
C PHE B 463 18.48 -15.12 -55.90
N HIS B 464 18.52 -15.43 -54.61
CA HIS B 464 17.37 -15.33 -53.74
C HIS B 464 17.73 -14.41 -52.57
N LEU B 465 17.05 -13.27 -52.49
CA LEU B 465 17.22 -12.32 -51.41
C LEU B 465 16.01 -12.42 -50.49
N GLN B 466 16.24 -12.87 -49.26
CA GLN B 466 15.19 -13.02 -48.25
C GLN B 466 15.48 -12.05 -47.11
N ILE B 467 14.57 -11.10 -46.90
CA ILE B 467 14.71 -10.09 -45.86
C ILE B 467 13.64 -10.36 -44.81
N SER B 468 14.06 -10.77 -43.62
CA SER B 468 13.11 -11.11 -42.58
C SER B 468 12.48 -9.85 -41.98
N LYS B 469 11.54 -10.06 -41.06
CA LYS B 469 10.81 -8.96 -40.46
C LYS B 469 11.75 -8.08 -39.63
N GLN B 470 11.36 -6.81 -39.49
CA GLN B 470 12.16 -5.85 -38.75
C GLN B 470 11.95 -6.03 -37.26
N VAL B 471 13.03 -6.34 -36.54
CA VAL B 471 13.04 -6.35 -35.09
C VAL B 471 13.62 -5.02 -34.62
N ILE B 472 13.08 -4.49 -33.52
CA ILE B 472 13.47 -3.19 -33.01
C ILE B 472 14.04 -3.36 -31.61
N HIS B 473 15.24 -2.85 -31.39
CA HIS B 473 15.93 -2.92 -30.12
C HIS B 473 15.88 -1.57 -29.44
N ALA B 474 15.50 -1.55 -28.17
CA ALA B 474 15.35 -0.31 -27.41
C ALA B 474 16.09 -0.45 -26.08
N GLU B 475 17.12 0.37 -25.89
CA GLU B 475 17.76 0.48 -24.59
C GLU B 475 16.77 1.12 -23.62
N ILE B 476 16.47 0.44 -22.51
CA ILE B 476 15.38 0.84 -21.64
C ILE B 476 15.88 0.98 -20.21
N GLN B 477 15.15 1.79 -19.45
CA GLN B 477 15.28 1.88 -18.00
C GLN B 477 14.01 1.36 -17.36
N HIS B 478 14.16 0.40 -16.45
CA HIS B 478 13.02 -0.14 -15.70
C HIS B 478 12.61 0.88 -14.65
N LEU B 479 11.42 1.47 -14.81
CA LEU B 479 10.91 2.47 -13.88
C LEU B 479 10.08 1.88 -12.75
N GLY B 480 9.76 0.60 -12.81
CA GLY B 480 8.94 -0.03 -11.80
C GLY B 480 7.50 -0.22 -12.24
N HIS B 481 6.63 -0.38 -11.26
CA HIS B 481 5.21 -0.63 -11.49
C HIS B 481 4.42 0.65 -11.24
N TRP B 482 3.53 0.98 -12.16
CA TRP B 482 2.55 2.04 -11.92
C TRP B 482 1.47 1.50 -10.99
N MET B 483 0.98 2.35 -10.10
CA MET B 483 0.09 1.92 -9.04
C MET B 483 -1.16 2.77 -8.99
N ASP B 484 -2.32 2.11 -8.94
CA ASP B 484 -3.60 2.76 -8.73
C ASP B 484 -3.86 2.90 -7.23
N GLY B 485 -4.63 3.91 -6.86
CA GLY B 485 -4.90 4.17 -5.46
C GLY B 485 -6.30 4.69 -5.24
N THR B 486 -6.69 4.76 -3.96
CA THR B 486 -8.00 5.25 -3.56
C THR B 486 -7.82 6.46 -2.65
N PHE B 487 -8.46 7.56 -3.03
CA PHE B 487 -8.41 8.81 -2.26
C PHE B 487 -9.31 8.67 -1.04
N ASN B 488 -8.72 8.67 0.15
CA ASN B 488 -9.46 8.55 1.40
C ASN B 488 -9.15 9.75 2.28
N LEU B 489 -10.20 10.44 2.71
CA LEU B 489 -10.10 11.63 3.56
C LEU B 489 -10.52 11.28 4.98
N LYS B 490 -9.67 11.63 5.95
CA LYS B 490 -9.95 11.33 7.35
C LYS B 490 -9.62 12.53 8.23
N THR B 491 -10.47 12.77 9.22
CA THR B 491 -10.29 13.83 10.20
C THR B 491 -10.28 13.22 11.58
N ALA B 492 -9.26 13.54 12.38
CA ALA B 492 -9.12 13.02 13.74
C ALA B 492 -8.91 14.19 14.69
N PHE B 493 -9.92 14.47 15.50
CA PHE B 493 -9.83 15.54 16.49
C PHE B 493 -9.40 14.95 17.83
N HIS B 494 -8.21 15.34 18.29
CA HIS B 494 -7.73 14.91 19.59
C HIS B 494 -8.42 15.71 20.69
N CYS B 495 -8.95 15.00 21.70
CA CYS B 495 -9.59 15.68 22.81
C CYS B 495 -8.61 16.50 23.64
N TYR B 496 -7.32 16.19 23.55
CA TYR B 496 -6.30 16.99 24.23
C TYR B 496 -4.95 16.71 23.58
N GLY B 497 -4.00 17.59 23.85
CA GLY B 497 -2.63 17.38 23.39
C GLY B 497 -2.46 17.54 21.88
N SER B 498 -1.30 17.10 21.43
CA SER B 498 -0.93 17.20 20.02
C SER B 498 -1.46 16.01 19.22
N CYS B 499 -1.29 16.09 17.91
CA CYS B 499 -1.71 15.03 17.01
C CYS B 499 -0.57 14.03 16.85
N GLU B 500 -0.81 12.80 17.27
CA GLU B 500 0.24 11.78 17.27
C GLU B 500 0.54 11.31 15.85
N LYS B 501 1.82 10.98 15.63
CA LYS B 501 2.30 10.54 14.33
C LYS B 501 2.59 9.05 14.36
N TYR B 502 2.06 8.32 13.37
CA TYR B 502 2.25 6.88 13.24
C TYR B 502 1.80 6.15 14.51
N ALA B 503 0.62 6.53 15.00
CA ALA B 503 0.03 5.91 16.18
C ALA B 503 -1.32 5.26 15.90
N TYR B 504 -1.82 5.35 14.68
CA TYR B 504 -3.14 4.86 14.31
C TYR B 504 -3.05 4.01 13.05
N PRO B 505 -4.00 3.11 12.84
CA PRO B 505 -3.89 2.18 11.69
C PRO B 505 -3.91 2.87 10.33
N TRP B 506 -4.64 3.98 10.18
CA TRP B 506 -4.71 4.63 8.87
C TRP B 506 -3.39 5.27 8.47
N GLN B 507 -2.48 5.49 9.43
CA GLN B 507 -1.15 6.01 9.12
C GLN B 507 -0.19 4.92 8.66
N THR B 508 -0.67 3.70 8.46
CA THR B 508 0.09 2.64 7.80
C THR B 508 -0.10 2.65 6.29
N ALA B 509 -0.86 3.61 5.76
CA ALA B 509 -1.16 3.64 4.34
C ALA B 509 0.12 3.75 3.53
N GLY B 510 0.05 3.30 2.27
CA GLY B 510 1.21 3.37 1.39
C GLY B 510 1.81 4.76 1.36
N CYS B 511 0.96 5.77 1.23
CA CYS B 511 1.40 7.16 1.25
C CYS B 511 0.24 8.06 1.64
N PHE B 512 0.57 9.17 2.28
CA PHE B 512 -0.44 10.07 2.82
C PHE B 512 0.20 11.41 3.15
N VAL B 513 -0.65 12.42 3.32
CA VAL B 513 -0.24 13.75 3.74
C VAL B 513 -1.24 14.22 4.79
N GLU B 514 -0.72 14.74 5.91
CA GLU B 514 -1.56 15.22 7.00
C GLU B 514 -1.27 16.68 7.30
N LYS B 515 -2.29 17.38 7.78
CA LYS B 515 -2.16 18.77 8.23
C LYS B 515 -2.67 18.86 9.66
N ASP B 516 -1.89 19.54 10.51
CA ASP B 516 -2.21 19.67 11.93
C ASP B 516 -2.78 21.06 12.17
N TYR B 517 -4.03 21.13 12.62
CA TYR B 517 -4.71 22.38 12.91
C TYR B 517 -4.72 22.62 14.41
N GLU B 518 -4.39 23.85 14.82
CA GLU B 518 -4.49 24.23 16.21
C GLU B 518 -5.96 24.31 16.63
N TYR B 519 -6.19 24.16 17.93
CA TYR B 519 -7.52 24.35 18.48
C TYR B 519 -7.76 25.84 18.68
N GLU B 520 -8.81 26.36 18.03
CA GLU B 520 -9.16 27.77 18.12
C GLU B 520 -10.43 27.89 18.96
N SER B 521 -10.28 28.47 20.15
CA SER B 521 -11.44 28.77 20.97
C SER B 521 -12.31 29.82 20.28
N GLY B 522 -13.62 29.72 20.50
CA GLY B 522 -14.56 30.60 19.83
C GLY B 522 -14.98 30.15 18.46
N TRP B 523 -14.42 29.06 17.93
CA TRP B 523 -14.90 28.53 16.66
C TRP B 523 -16.29 27.93 16.80
N GLY B 524 -16.62 27.39 17.97
CA GLY B 524 -17.93 26.86 18.23
C GLY B 524 -18.08 25.38 17.96
N CYS B 525 -17.21 24.79 17.15
CA CYS B 525 -17.31 23.37 16.79
C CYS B 525 -16.66 22.54 17.89
N ASN B 526 -17.44 22.22 18.91
CA ASN B 526 -16.95 21.43 20.04
C ASN B 526 -17.73 20.13 20.12
N PRO B 527 -17.11 18.98 19.88
CA PRO B 527 -17.85 17.71 19.94
C PRO B 527 -18.25 17.37 21.36
N ALA B 528 -19.40 16.70 21.47
CA ALA B 528 -19.97 16.36 22.77
C ALA B 528 -19.56 14.96 23.26
N ASP B 529 -18.74 14.25 22.51
CA ASP B 529 -18.33 12.89 22.88
C ASP B 529 -16.91 12.82 23.42
N CYS B 530 -16.22 13.95 23.57
CA CYS B 530 -14.97 13.93 24.30
C CYS B 530 -15.25 13.84 25.80
N PRO B 531 -14.35 13.24 26.57
CA PRO B 531 -14.53 13.23 28.03
C PRO B 531 -14.28 14.61 28.62
N GLY B 532 -15.18 15.55 28.34
CA GLY B 532 -15.01 16.94 28.72
C GLY B 532 -14.97 17.85 27.51
N VAL B 533 -14.25 18.95 27.63
CA VAL B 533 -14.11 19.93 26.57
C VAL B 533 -12.85 19.61 25.78
N GLY B 534 -13.03 19.20 24.52
CA GLY B 534 -11.88 18.89 23.68
C GLY B 534 -11.12 20.15 23.31
N THR B 535 -9.81 20.13 23.51
CA THR B 535 -8.95 21.27 23.23
C THR B 535 -7.69 20.88 22.46
N GLY B 536 -7.60 19.67 21.94
CA GLY B 536 -6.42 19.18 21.28
C GLY B 536 -6.37 19.52 19.80
N CYS B 537 -5.43 18.89 19.11
CA CYS B 537 -5.19 19.14 17.70
C CYS B 537 -6.20 18.40 16.83
N THR B 538 -6.46 18.97 15.66
CA THR B 538 -7.29 18.35 14.63
C THR B 538 -6.38 17.88 13.50
N ALA B 539 -6.25 16.57 13.35
CA ALA B 539 -5.35 15.97 12.37
C ALA B 539 -6.15 15.62 11.12
N CYS B 540 -6.01 16.44 10.09
CA CYS B 540 -6.64 16.22 8.79
C CYS B 540 -5.63 15.59 7.84
N GLY B 541 -6.07 14.59 7.09
CA GLY B 541 -5.16 13.85 6.24
C GLY B 541 -5.86 13.27 5.03
N VAL B 542 -5.09 13.10 3.96
CA VAL B 542 -5.48 12.34 2.78
C VAL B 542 -4.65 11.08 2.74
N TYR B 543 -5.31 9.92 2.60
CA TYR B 543 -4.65 8.63 2.69
C TYR B 543 -4.93 7.84 1.43
N LEU B 544 -3.88 7.40 0.74
CA LEU B 544 -4.00 6.59 -0.46
C LEU B 544 -3.99 5.12 -0.06
N ASP B 545 -5.16 4.49 -0.10
CA ASP B 545 -5.33 3.11 0.33
C ASP B 545 -5.55 2.18 -0.86
N LYS B 546 -5.33 0.90 -0.61
CA LYS B 546 -5.54 -0.16 -1.60
C LYS B 546 -4.76 0.12 -2.89
N LEU B 547 -3.44 0.21 -2.74
CA LEU B 547 -2.56 0.42 -3.88
C LEU B 547 -2.38 -0.89 -4.63
N LYS B 548 -2.70 -0.89 -5.92
CA LYS B 548 -2.57 -2.07 -6.77
C LYS B 548 -1.67 -1.76 -7.95
N SER B 549 -0.86 -2.74 -8.34
CA SER B 549 -0.05 -2.61 -9.55
C SER B 549 -0.94 -2.71 -10.78
N VAL B 550 -0.79 -1.77 -11.71
CA VAL B 550 -1.56 -1.76 -12.94
C VAL B 550 -0.69 -1.98 -14.18
N GLY B 551 0.60 -2.14 -14.01
CA GLY B 551 1.48 -2.43 -15.14
C GLY B 551 2.87 -1.88 -14.92
N LYS B 552 3.77 -2.32 -15.78
CA LYS B 552 5.17 -1.89 -15.75
C LYS B 552 5.40 -0.74 -16.73
N ALA B 553 6.35 0.12 -16.40
CA ALA B 553 6.72 1.26 -17.23
C ALA B 553 8.20 1.19 -17.57
N PHE B 554 8.54 1.53 -18.82
CA PHE B 554 9.91 1.54 -19.29
C PHE B 554 10.17 2.83 -20.05
N LYS B 555 11.34 3.42 -19.81
CA LYS B 555 11.76 4.64 -20.50
C LYS B 555 12.78 4.29 -21.58
N ILE B 556 12.55 4.80 -22.79
CA ILE B 556 13.40 4.46 -23.94
C ILE B 556 14.66 5.31 -23.88
N VAL B 557 15.81 4.66 -23.80
CA VAL B 557 17.07 5.40 -23.78
C VAL B 557 17.56 5.64 -25.20
N SER B 558 17.56 4.59 -26.03
CA SER B 558 17.96 4.69 -27.42
C SER B 558 17.22 3.62 -28.21
N LEU B 559 17.33 3.72 -29.54
CA LEU B 559 16.61 2.82 -30.44
C LEU B 559 17.52 2.40 -31.58
N ARG B 560 17.38 1.14 -31.99
CA ARG B 560 18.16 0.56 -33.08
C ARG B 560 17.28 -0.45 -33.80
N TYR B 561 17.38 -0.47 -35.13
CA TYR B 561 16.50 -1.29 -35.97
C TYR B 561 17.35 -2.16 -36.88
N THR B 562 17.12 -3.47 -36.81
CA THR B 562 17.84 -4.44 -37.61
C THR B 562 16.87 -5.32 -38.38
N ARG B 563 17.32 -5.84 -39.52
CA ARG B 563 16.56 -6.80 -40.31
C ARG B 563 17.50 -7.91 -40.76
N LYS B 564 17.05 -9.15 -40.62
CA LYS B 564 17.85 -10.31 -40.98
C LYS B 564 17.86 -10.48 -42.49
N ALA B 565 19.05 -10.41 -43.08
CA ALA B 565 19.22 -10.57 -44.52
C ALA B 565 19.78 -11.95 -44.82
N CYS B 566 19.03 -12.74 -45.58
CA CYS B 566 19.47 -14.05 -46.03
C CYS B 566 19.57 -14.05 -47.54
N ILE B 567 20.66 -14.61 -48.06
CA ILE B 567 20.98 -14.55 -49.49
C ILE B 567 21.35 -15.94 -49.97
N GLN B 568 20.78 -16.34 -51.11
CA GLN B 568 21.14 -17.57 -51.81
C GLN B 568 21.70 -17.17 -53.17
N LEU B 569 23.02 -17.24 -53.32
CA LEU B 569 23.70 -16.88 -54.56
C LEU B 569 24.35 -18.13 -55.13
N GLY B 570 23.74 -18.69 -56.18
CA GLY B 570 24.27 -19.91 -56.76
C GLY B 570 24.20 -21.05 -55.77
N THR B 571 25.33 -21.70 -55.54
CA THR B 571 25.43 -22.78 -54.57
C THR B 571 25.83 -22.29 -53.19
N GLU B 572 25.92 -20.98 -52.99
CA GLU B 572 26.32 -20.40 -51.72
C GLU B 572 25.12 -19.79 -51.02
N GLN B 573 25.19 -19.75 -49.68
CA GLN B 573 24.10 -19.25 -48.85
C GLN B 573 24.67 -18.62 -47.60
N THR B 574 24.06 -17.52 -47.16
CA THR B 574 24.49 -16.86 -45.94
C THR B 574 23.33 -16.06 -45.36
N CYS B 575 23.36 -15.88 -44.04
CA CYS B 575 22.39 -15.06 -43.34
C CYS B 575 23.13 -14.18 -42.34
N LYS B 576 22.84 -12.88 -42.35
CA LYS B 576 23.49 -11.94 -41.46
C LYS B 576 22.51 -10.85 -41.07
N ASN B 577 22.55 -10.45 -39.80
CA ASN B 577 21.75 -9.33 -39.34
C ASN B 577 22.39 -8.02 -39.78
N VAL B 578 21.58 -7.12 -40.33
CA VAL B 578 22.05 -5.83 -40.79
C VAL B 578 21.30 -4.73 -40.03
N ASP B 579 22.01 -3.66 -39.68
CA ASP B 579 21.37 -2.48 -39.15
C ASP B 579 21.88 -1.26 -39.90
N SER B 580 21.63 -0.06 -39.37
CA SER B 580 22.01 1.15 -40.08
C SER B 580 23.52 1.31 -40.19
N ASN B 581 24.25 0.99 -39.12
CA ASN B 581 25.69 1.19 -39.09
C ASN B 581 26.48 -0.06 -39.48
N ASP B 582 25.82 -1.21 -39.67
CA ASP B 582 26.50 -2.47 -39.98
C ASP B 582 25.86 -3.05 -41.25
N CYS B 583 26.21 -2.48 -42.39
CA CYS B 583 25.76 -3.02 -43.66
C CYS B 583 26.39 -4.39 -43.90
N LEU B 584 25.66 -5.25 -44.59
CA LEU B 584 26.20 -6.53 -45.02
C LEU B 584 27.06 -6.31 -46.26
N VAL B 585 28.35 -6.63 -46.16
CA VAL B 585 29.29 -6.44 -47.24
C VAL B 585 29.93 -7.80 -47.52
N THR B 586 29.52 -8.43 -48.62
CA THR B 586 30.15 -9.63 -49.13
C THR B 586 30.89 -9.31 -50.42
N THR B 587 31.59 -10.30 -50.97
CA THR B 587 32.37 -10.07 -52.16
C THR B 587 31.49 -9.74 -53.36
N SER B 588 30.28 -10.30 -53.42
CA SER B 588 29.39 -10.09 -54.56
C SER B 588 28.12 -9.32 -54.22
N VAL B 589 27.65 -9.37 -52.98
CA VAL B 589 26.39 -8.76 -52.59
C VAL B 589 26.63 -7.78 -51.45
N LYS B 590 25.97 -6.62 -51.51
CA LYS B 590 25.99 -5.64 -50.43
C LYS B 590 24.55 -5.26 -50.10
N VAL B 591 24.17 -5.45 -48.84
CA VAL B 591 22.84 -5.10 -48.36
C VAL B 591 23.01 -4.01 -47.32
N CYS B 592 22.47 -2.83 -47.60
CA CYS B 592 22.60 -1.66 -46.74
C CYS B 592 21.21 -1.19 -46.31
N LEU B 593 20.96 -1.20 -45.00
CA LEU B 593 19.76 -0.57 -44.43
C LEU B 593 20.10 0.88 -44.16
N ILE B 594 19.62 1.79 -45.02
CA ILE B 594 20.09 3.17 -44.97
C ILE B 594 19.31 4.03 -43.97
N GLY B 595 18.04 3.72 -43.72
CA GLY B 595 17.24 4.55 -42.83
C GLY B 595 16.04 3.81 -42.30
N THR B 596 15.51 4.33 -41.20
CA THR B 596 14.34 3.74 -40.56
C THR B 596 13.51 4.85 -39.92
N VAL B 597 12.24 4.93 -40.30
CA VAL B 597 11.30 5.87 -39.69
C VAL B 597 10.48 5.12 -38.64
N SER B 598 10.27 5.77 -37.50
CA SER B 598 9.68 5.11 -36.34
C SER B 598 8.56 5.94 -35.74
N LYS B 599 7.63 5.23 -35.10
CA LYS B 599 6.63 5.87 -34.24
C LYS B 599 7.16 6.07 -32.83
N PHE B 600 8.23 5.37 -32.46
CA PHE B 600 8.83 5.46 -31.14
C PHE B 600 10.00 6.44 -31.17
N GLN B 601 10.15 7.22 -30.12
CA GLN B 601 11.20 8.20 -29.97
C GLN B 601 11.94 7.97 -28.67
N PRO B 602 13.20 8.39 -28.59
CA PRO B 602 13.90 8.35 -27.30
C PRO B 602 13.18 9.20 -26.26
N SER B 603 13.40 8.84 -25.00
CA SER B 603 12.79 9.43 -23.81
C SER B 603 11.30 9.11 -23.71
N ASP B 604 10.73 8.38 -24.65
CA ASP B 604 9.36 7.90 -24.50
C ASP B 604 9.26 6.90 -23.36
N THR B 605 8.10 6.89 -22.69
CA THR B 605 7.82 5.93 -21.63
C THR B 605 6.82 4.91 -22.15
N LEU B 606 7.19 3.64 -22.10
CA LEU B 606 6.33 2.55 -22.55
C LEU B 606 5.66 1.93 -21.34
N LEU B 607 4.32 1.94 -21.33
CA LEU B 607 3.52 1.35 -20.26
C LEU B 607 2.87 0.08 -20.77
N PHE B 608 2.96 -0.99 -19.97
CA PHE B 608 2.39 -2.29 -20.33
C PHE B 608 1.36 -2.67 -19.27
N LEU B 609 0.08 -2.55 -19.64
CA LEU B 609 -1.00 -2.89 -18.70
C LEU B 609 -0.99 -4.37 -18.35
N GLY B 610 -0.58 -5.23 -19.28
CA GLY B 610 -0.50 -6.64 -19.03
C GLY B 610 0.83 -7.22 -19.48
N PRO B 611 0.80 -8.45 -20.00
CA PRO B 611 2.04 -9.06 -20.52
C PRO B 611 2.58 -8.26 -21.70
N LEU B 612 3.85 -8.54 -22.04
CA LEU B 612 4.52 -7.79 -23.10
C LEU B 612 3.81 -7.96 -24.44
N GLU B 613 3.43 -9.19 -24.78
CA GLU B 613 2.81 -9.48 -26.06
C GLU B 613 1.34 -9.08 -26.13
N GLN B 614 0.85 -8.29 -25.16
CA GLN B 614 -0.53 -7.83 -25.16
C GLN B 614 -0.67 -6.39 -25.61
N GLY B 615 0.43 -5.71 -25.91
CA GLY B 615 0.40 -4.32 -26.35
C GLY B 615 0.91 -3.38 -25.27
N GLY B 616 1.04 -2.12 -25.67
CA GLY B 616 1.54 -1.10 -24.78
C GLY B 616 0.97 0.27 -25.13
N LEU B 617 1.31 1.25 -24.29
CA LEU B 617 0.91 2.63 -24.50
C LEU B 617 2.14 3.52 -24.41
N ILE B 618 2.12 4.62 -25.17
CA ILE B 618 3.24 5.56 -25.25
C ILE B 618 2.86 6.82 -24.51
N PHE B 619 3.73 7.25 -23.60
CA PHE B 619 3.53 8.47 -22.81
C PHE B 619 4.68 9.43 -23.10
N LYS B 620 4.34 10.61 -23.62
CA LYS B 620 5.35 11.64 -23.83
C LYS B 620 5.66 12.40 -22.55
N GLN B 621 4.67 12.58 -21.69
CA GLN B 621 4.83 13.25 -20.40
C GLN B 621 4.60 12.22 -19.29
N TRP B 622 5.69 11.70 -18.75
CA TRP B 622 5.66 10.79 -17.61
C TRP B 622 6.33 11.46 -16.43
N CYS B 623 5.71 11.38 -15.26
CA CYS B 623 6.18 12.11 -14.08
C CYS B 623 7.62 11.72 -13.76
N THR B 624 8.42 12.73 -13.40
CA THR B 624 9.82 12.52 -13.05
C THR B 624 10.19 13.29 -11.79
N THR B 625 10.52 14.58 -11.94
CA THR B 625 10.99 15.37 -10.81
C THR B 625 9.82 15.82 -9.94
N THR B 626 8.80 16.43 -10.55
CA THR B 626 7.62 16.91 -9.83
C THR B 626 6.46 15.97 -10.16
N CYS B 627 6.05 15.18 -9.18
CA CYS B 627 5.01 14.17 -9.36
C CYS B 627 3.78 14.55 -8.55
N GLN B 628 2.63 14.59 -9.20
CA GLN B 628 1.38 15.00 -8.58
C GLN B 628 0.33 13.92 -8.75
N PHE B 629 -0.55 13.79 -7.75
CA PHE B 629 -1.60 12.78 -7.78
C PHE B 629 -2.54 13.04 -8.95
N GLY B 630 -2.58 12.09 -9.89
CA GLY B 630 -3.32 12.24 -11.13
C GLY B 630 -2.45 12.26 -12.37
N ASP B 631 -1.15 12.52 -12.22
CA ASP B 631 -0.24 12.53 -13.35
C ASP B 631 0.08 11.11 -13.80
N PRO B 632 0.44 10.93 -15.08
CA PRO B 632 0.93 9.62 -15.53
C PRO B 632 2.21 9.22 -14.81
N GLY B 633 2.12 8.19 -13.97
CA GLY B 633 3.24 7.79 -13.15
C GLY B 633 3.26 8.40 -11.77
N ASP B 634 2.11 8.80 -11.23
CA ASP B 634 2.07 9.46 -9.93
C ASP B 634 2.58 8.53 -8.83
N ILE B 635 2.05 7.31 -8.76
CA ILE B 635 2.44 6.33 -7.75
C ILE B 635 3.23 5.23 -8.44
N MET B 636 4.48 5.06 -8.02
CA MET B 636 5.38 4.07 -8.60
C MET B 636 5.93 3.17 -7.51
N SER B 637 5.96 1.86 -7.79
CA SER B 637 6.51 0.87 -6.89
C SER B 637 7.88 0.44 -7.42
N THR B 638 8.93 0.90 -6.77
CA THR B 638 10.30 0.66 -7.20
C THR B 638 10.96 -0.39 -6.32
N PRO B 639 12.06 -1.00 -6.78
CA PRO B 639 12.78 -1.96 -5.91
C PRO B 639 13.25 -1.34 -4.61
N VAL B 640 13.66 -0.07 -4.63
CA VAL B 640 14.09 0.60 -3.40
C VAL B 640 12.90 0.83 -2.48
N GLY B 641 11.72 1.05 -3.04
CA GLY B 641 10.53 1.27 -2.22
C GLY B 641 9.46 1.96 -3.03
N MET B 642 8.56 2.63 -2.30
CA MET B 642 7.42 3.31 -2.88
C MET B 642 7.78 4.77 -3.16
N LYS B 643 7.67 5.17 -4.42
CA LYS B 643 7.85 6.57 -4.82
C LYS B 643 6.47 7.19 -4.98
N CYS B 644 6.22 8.27 -4.26
CA CYS B 644 4.86 8.77 -4.15
C CYS B 644 4.75 10.22 -4.63
N PRO B 645 3.57 10.62 -5.11
CA PRO B 645 3.38 11.98 -5.59
C PRO B 645 2.94 12.93 -4.50
N GLU B 646 3.06 14.21 -4.78
CA GLU B 646 2.44 15.22 -3.93
C GLU B 646 0.93 15.21 -4.14
N LEU B 647 0.19 15.30 -3.05
CA LEU B 647 -1.27 15.34 -3.10
C LEU B 647 -1.68 16.79 -3.28
N SER B 648 -1.73 17.22 -4.54
CA SER B 648 -2.01 18.62 -4.87
C SER B 648 -3.39 19.02 -4.38
N GLY B 649 -3.45 20.16 -3.72
CA GLY B 649 -4.69 20.68 -3.17
C GLY B 649 -4.43 21.33 -1.84
N SER B 650 -5.51 21.53 -1.08
CA SER B 650 -5.41 22.15 0.23
C SER B 650 -6.55 21.65 1.11
N PHE B 651 -6.36 21.78 2.42
CA PHE B 651 -7.35 21.39 3.40
C PHE B 651 -8.19 22.59 3.81
N ARG B 652 -9.43 22.30 4.19
CA ARG B 652 -10.36 23.31 4.70
C ARG B 652 -11.04 22.75 5.94
N LYS B 653 -10.86 23.44 7.07
CA LYS B 653 -11.43 23.00 8.34
C LYS B 653 -12.89 23.43 8.40
N LYS B 654 -13.81 22.47 8.31
CA LYS B 654 -15.23 22.72 8.35
C LYS B 654 -15.83 22.18 9.64
N CYS B 655 -17.14 22.40 9.80
CA CYS B 655 -17.86 21.95 10.99
C CYS B 655 -19.15 21.29 10.54
N ALA B 656 -19.35 20.05 10.96
CA ALA B 656 -20.56 19.28 10.62
C ALA B 656 -21.48 19.23 11.82
N PHE B 657 -22.76 19.56 11.59
CA PHE B 657 -23.81 19.53 12.61
C PHE B 657 -23.50 20.43 13.80
N ALA B 658 -22.66 21.46 13.59
CA ALA B 658 -22.25 22.38 14.65
C ALA B 658 -21.64 21.65 15.84
N THR B 659 -21.06 20.47 15.61
CA THR B 659 -20.57 19.64 16.70
C THR B 659 -19.19 19.07 16.38
N THR B 660 -19.09 18.31 15.30
CA THR B 660 -17.87 17.54 15.02
C THR B 660 -17.03 18.25 13.97
N PRO B 661 -15.74 18.47 14.23
CA PRO B 661 -14.86 19.05 13.20
C PRO B 661 -14.58 18.04 12.10
N VAL B 662 -14.80 18.47 10.85
CA VAL B 662 -14.54 17.65 9.68
C VAL B 662 -13.74 18.49 8.69
N CYS B 663 -12.81 17.86 7.99
CA CYS B 663 -11.99 18.52 6.99
C CYS B 663 -12.46 18.16 5.58
N GLN B 664 -12.28 19.09 4.66
CA GLN B 664 -12.57 18.87 3.25
C GLN B 664 -11.33 19.23 2.44
N PHE B 665 -11.28 18.73 1.20
CA PHE B 665 -10.11 18.84 0.36
C PHE B 665 -10.50 19.42 -1.00
N ASP B 666 -9.76 20.43 -1.44
CA ASP B 666 -9.99 21.08 -2.73
C ASP B 666 -8.83 20.71 -3.66
N GLY B 667 -9.11 19.82 -4.60
CA GLY B 667 -8.09 19.39 -5.54
C GLY B 667 -8.49 18.09 -6.19
N ASN B 668 -7.52 17.47 -6.85
CA ASN B 668 -7.77 16.23 -7.57
C ASN B 668 -7.90 15.07 -6.59
N THR B 669 -8.92 14.23 -6.81
CA THR B 669 -9.11 13.01 -6.02
C THR B 669 -9.15 11.76 -6.89
N ILE B 670 -8.77 11.88 -8.17
CA ILE B 670 -8.77 10.76 -9.10
C ILE B 670 -7.32 10.40 -9.42
N SER B 671 -6.99 9.12 -9.29
CA SER B 671 -5.63 8.67 -9.51
C SER B 671 -5.23 8.81 -10.97
N GLY B 672 -3.92 8.80 -11.20
CA GLY B 672 -3.42 8.93 -12.56
C GLY B 672 -3.86 7.79 -13.46
N TYR B 673 -3.94 6.58 -12.91
CA TYR B 673 -4.40 5.44 -13.70
C TYR B 673 -5.85 5.59 -14.12
N LYS B 674 -6.71 6.06 -13.20
CA LYS B 674 -8.12 6.21 -13.53
C LYS B 674 -8.34 7.35 -14.51
N ARG B 675 -7.53 8.41 -14.43
CA ARG B 675 -7.65 9.49 -15.41
C ARG B 675 -7.10 9.08 -16.77
N MET B 676 -6.17 8.12 -16.80
CA MET B 676 -5.70 7.59 -18.08
C MET B 676 -6.76 6.68 -18.71
N ILE B 677 -7.44 5.87 -17.89
CA ILE B 677 -8.46 4.97 -18.41
C ILE B 677 -9.60 5.76 -19.05
N ALA B 678 -9.98 6.88 -18.44
CA ALA B 678 -11.08 7.69 -18.98
C ALA B 678 -10.71 8.37 -20.29
N THR B 679 -9.43 8.49 -20.61
CA THR B 679 -8.95 9.10 -21.84
C THR B 679 -7.97 8.18 -22.56
N LYS B 680 -8.28 6.89 -22.61
CA LYS B 680 -7.34 5.91 -23.16
C LYS B 680 -7.16 6.07 -24.66
N ASP B 681 -8.22 6.45 -25.38
CA ASP B 681 -8.13 6.61 -26.83
C ASP B 681 -7.19 7.74 -27.24
N SER B 682 -6.79 8.61 -26.31
CA SER B 682 -5.91 9.72 -26.60
C SER B 682 -4.43 9.35 -26.52
N PHE B 683 -4.11 8.09 -26.20
CA PHE B 683 -2.74 7.64 -26.04
C PHE B 683 -2.37 6.70 -27.18
N GLN B 684 -1.17 6.91 -27.74
CA GLN B 684 -0.68 6.06 -28.81
C GLN B 684 -0.44 4.64 -28.30
N SER B 685 -1.20 3.69 -28.84
CA SER B 685 -1.02 2.28 -28.52
C SER B 685 -0.20 1.61 -29.62
N PHE B 686 0.30 0.42 -29.32
CA PHE B 686 1.10 -0.34 -30.27
C PHE B 686 1.05 -1.81 -29.92
N ASN B 687 0.98 -2.65 -30.95
CA ASN B 687 0.96 -4.09 -30.77
C ASN B 687 2.38 -4.66 -30.77
N VAL B 688 2.54 -5.82 -30.16
CA VAL B 688 3.85 -6.42 -29.92
C VAL B 688 3.80 -7.90 -30.27
N THR B 689 4.83 -8.37 -30.98
CA THR B 689 5.00 -9.78 -31.30
C THR B 689 6.42 -10.22 -30.99
N GLU B 690 6.56 -11.44 -30.46
CA GLU B 690 7.82 -12.06 -30.06
C GLU B 690 8.67 -11.10 -29.23
N PRO B 691 8.24 -10.77 -28.02
CA PRO B 691 9.02 -9.86 -27.19
C PRO B 691 10.13 -10.59 -26.44
N HIS B 692 11.23 -9.87 -26.24
CA HIS B 692 12.36 -10.37 -25.46
C HIS B 692 12.93 -9.21 -24.66
N ILE B 693 12.95 -9.34 -23.34
CA ILE B 693 13.35 -8.25 -22.46
C ILE B 693 14.48 -8.72 -21.55
N SER B 694 15.44 -7.84 -21.29
CA SER B 694 16.50 -8.06 -20.32
C SER B 694 16.46 -6.94 -19.30
N ALA B 695 17.50 -6.86 -18.48
CA ALA B 695 17.61 -5.79 -17.48
C ALA B 695 18.01 -4.46 -18.10
N SER B 696 18.31 -4.42 -19.41
CA SER B 696 18.80 -3.21 -20.04
C SER B 696 18.23 -2.92 -21.42
N SER B 697 17.45 -3.83 -22.01
CA SER B 697 16.95 -3.61 -23.37
C SER B 697 15.64 -4.35 -23.55
N LEU B 698 14.85 -3.88 -24.52
CA LEU B 698 13.59 -4.50 -24.90
C LEU B 698 13.60 -4.76 -26.40
N GLU B 699 13.22 -5.97 -26.79
CA GLU B 699 13.29 -6.40 -28.18
C GLU B 699 11.94 -6.99 -28.57
N TRP B 700 11.37 -6.48 -29.66
CA TRP B 700 10.07 -6.99 -30.12
C TRP B 700 9.93 -6.70 -31.61
N ILE B 701 8.85 -7.21 -32.18
CA ILE B 701 8.53 -7.04 -33.59
C ILE B 701 7.17 -6.37 -33.69
N ASP B 702 7.13 -5.19 -34.29
CA ASP B 702 5.86 -4.49 -34.50
C ASP B 702 5.09 -5.16 -35.63
N PRO B 703 3.82 -5.54 -35.41
CA PRO B 703 3.07 -6.24 -36.45
C PRO B 703 2.03 -5.37 -37.14
N ASP B 704 2.07 -4.06 -36.91
CA ASP B 704 1.05 -3.15 -37.39
C ASP B 704 1.55 -2.21 -38.50
N SER B 705 2.67 -2.55 -39.14
CA SER B 705 3.25 -1.73 -40.21
C SER B 705 3.55 -0.32 -39.73
N SER B 706 3.76 -0.16 -38.42
CA SER B 706 4.06 1.16 -37.86
C SER B 706 5.46 1.63 -38.24
N LEU B 707 6.35 0.71 -38.57
CA LEU B 707 7.73 1.03 -38.93
C LEU B 707 7.93 0.82 -40.42
N ARG B 708 8.85 1.59 -41.00
CA ARG B 708 9.18 1.46 -42.41
C ARG B 708 10.69 1.57 -42.58
N ASP B 709 11.26 0.68 -43.37
CA ASP B 709 12.69 0.62 -43.62
C ASP B 709 13.01 0.97 -45.06
N HIS B 710 14.25 1.40 -45.28
CA HIS B 710 14.76 1.71 -46.62
C HIS B 710 16.03 0.90 -46.83
N ILE B 711 16.02 0.04 -47.84
CA ILE B 711 17.08 -0.94 -48.06
C ILE B 711 17.68 -0.73 -49.45
N ASN B 712 18.99 -0.89 -49.56
CA ASN B 712 19.71 -0.80 -50.82
C ASN B 712 20.51 -2.09 -51.01
N VAL B 713 20.43 -2.66 -52.21
CA VAL B 713 21.08 -3.93 -52.52
C VAL B 713 21.89 -3.78 -53.79
N ILE B 714 23.15 -4.22 -53.74
CA ILE B 714 24.06 -4.16 -54.88
C ILE B 714 24.64 -5.55 -55.10
N VAL B 715 24.42 -6.10 -56.29
CA VAL B 715 25.02 -7.36 -56.70
C VAL B 715 26.11 -7.03 -57.72
N GLY B 716 27.34 -7.41 -57.42
CA GLY B 716 28.45 -7.08 -58.30
C GLY B 716 28.30 -7.70 -59.67
N ARG B 717 28.80 -6.98 -60.68
CA ARG B 717 28.66 -7.43 -62.06
C ARG B 717 29.54 -8.65 -62.33
N ASP B 718 30.74 -8.68 -61.76
CA ASP B 718 31.69 -9.77 -62.02
C ASP B 718 31.51 -10.89 -61.01
N LEU B 719 30.42 -11.65 -61.21
CA LEU B 719 30.19 -12.85 -60.41
C LEU B 719 31.11 -13.97 -60.87
N SER B 720 31.47 -14.84 -59.92
CA SER B 720 32.29 -16.01 -60.22
C SER B 720 31.36 -17.12 -60.71
N PHE B 721 30.91 -16.99 -61.96
CA PHE B 721 29.91 -17.91 -62.49
C PHE B 721 30.42 -19.34 -62.50
N GLN B 722 31.71 -19.53 -62.80
CA GLN B 722 32.27 -20.88 -62.92
C GLN B 722 32.26 -21.58 -61.57
N ASP B 723 32.64 -20.88 -60.50
CA ASP B 723 32.66 -21.48 -59.17
C ASP B 723 31.27 -21.55 -58.54
N LEU B 724 30.34 -20.72 -58.99
CA LEU B 724 28.98 -20.73 -58.45
C LEU B 724 28.04 -21.68 -59.17
N SER B 725 28.47 -22.26 -60.30
CA SER B 725 27.64 -23.17 -61.07
C SER B 725 28.27 -24.55 -61.20
N GLU B 726 29.14 -24.94 -60.25
CA GLU B 726 29.79 -26.24 -60.30
C GLU B 726 28.76 -27.37 -60.24
N THR B 727 28.15 -27.58 -59.08
CA THR B 727 27.08 -28.55 -58.90
C THR B 727 25.81 -27.79 -58.54
N PRO B 728 25.03 -27.36 -59.53
CA PRO B 728 23.83 -26.58 -59.23
C PRO B 728 22.84 -27.39 -58.41
N CYS B 729 22.19 -26.71 -57.47
CA CYS B 729 21.20 -27.36 -56.62
C CYS B 729 20.00 -27.78 -57.47
N GLN B 730 19.76 -29.09 -57.53
CA GLN B 730 18.68 -29.65 -58.34
C GLN B 730 17.56 -30.11 -57.41
N VAL B 731 16.36 -29.57 -57.63
CA VAL B 731 15.18 -29.94 -56.86
C VAL B 731 14.19 -30.62 -57.80
N ASP B 732 13.42 -31.56 -57.24
CA ASP B 732 12.37 -32.25 -57.97
C ASP B 732 11.07 -32.11 -57.19
N LEU B 733 9.98 -31.86 -57.90
CA LEU B 733 8.69 -31.53 -57.29
C LEU B 733 7.65 -32.57 -57.68
N THR B 734 6.88 -33.03 -56.69
CA THR B 734 5.76 -33.94 -56.90
C THR B 734 4.57 -33.41 -56.11
N THR B 735 3.46 -33.17 -56.80
CA THR B 735 2.23 -32.73 -56.14
C THR B 735 1.54 -33.93 -55.50
N THR B 736 1.21 -33.81 -54.22
CA THR B 736 0.69 -34.95 -53.45
C THR B 736 -0.71 -34.70 -52.91
N SER B 737 -0.90 -33.64 -52.12
CA SER B 737 -2.17 -33.42 -51.43
C SER B 737 -2.63 -31.98 -51.64
N ILE B 738 -3.90 -31.74 -51.30
CA ILE B 738 -4.48 -30.40 -51.39
C ILE B 738 -5.67 -30.29 -50.45
N ASP B 739 -5.68 -29.26 -49.61
CA ASP B 739 -6.76 -28.98 -48.69
C ASP B 739 -7.45 -27.68 -49.07
N GLY B 740 -8.60 -27.44 -48.45
CA GLY B 740 -9.40 -26.28 -48.80
C GLY B 740 -10.09 -26.47 -50.15
N ALA B 741 -10.69 -25.38 -50.61
CA ALA B 741 -11.39 -25.36 -51.89
C ALA B 741 -10.78 -24.27 -52.79
N TRP B 742 -11.39 -24.08 -53.95
CA TRP B 742 -10.83 -23.21 -54.97
C TRP B 742 -11.37 -21.79 -54.87
N GLY B 743 -11.40 -21.08 -56.00
CA GLY B 743 -12.02 -19.77 -56.06
C GLY B 743 -11.23 -18.71 -55.34
N SER B 744 -11.74 -17.48 -55.45
CA SER B 744 -11.13 -16.32 -54.81
C SER B 744 -11.67 -16.09 -53.39
N GLY B 745 -12.36 -17.07 -52.82
CA GLY B 745 -13.00 -16.87 -51.54
C GLY B 745 -12.36 -17.58 -50.37
N VAL B 746 -12.34 -18.91 -50.43
CA VAL B 746 -11.93 -19.69 -49.26
C VAL B 746 -10.43 -19.92 -49.18
N GLY B 747 -9.72 -19.90 -50.31
CA GLY B 747 -8.30 -20.22 -50.32
C GLY B 747 -8.04 -21.71 -50.13
N PHE B 748 -6.83 -22.16 -50.46
CA PHE B 748 -6.50 -23.58 -50.38
C PHE B 748 -5.09 -23.74 -49.84
N ASN B 749 -4.77 -24.98 -49.47
CA ASN B 749 -3.44 -25.38 -49.04
C ASN B 749 -2.95 -26.51 -49.93
N LEU B 750 -1.68 -26.43 -50.32
CA LEU B 750 -1.06 -27.40 -51.22
C LEU B 750 0.12 -28.04 -50.53
N ILE B 751 0.07 -29.36 -50.37
CA ILE B 751 1.19 -30.14 -49.82
C ILE B 751 2.02 -30.66 -50.98
N CYS B 752 3.34 -30.56 -50.85
CA CYS B 752 4.22 -30.98 -51.94
C CYS B 752 5.52 -31.55 -51.37
N SER B 753 5.90 -32.72 -51.88
CA SER B 753 7.18 -33.34 -51.56
C SER B 753 8.23 -32.78 -52.50
N VAL B 754 9.18 -32.02 -51.95
CA VAL B 754 10.26 -31.41 -52.72
C VAL B 754 11.55 -32.15 -52.37
N SER B 755 12.25 -32.65 -53.39
CA SER B 755 13.47 -33.42 -53.20
C SER B 755 14.61 -32.69 -53.90
N LEU B 756 15.52 -32.12 -53.12
CA LEU B 756 16.71 -31.47 -53.65
C LEU B 756 17.88 -32.43 -53.60
N THR B 757 18.81 -32.28 -54.55
CA THR B 757 19.97 -33.14 -54.66
C THR B 757 21.24 -32.29 -54.68
N GLU B 758 22.38 -32.98 -54.67
CA GLU B 758 23.70 -32.38 -54.82
C GLU B 758 24.03 -31.42 -53.68
N CYS B 759 23.21 -30.41 -53.45
CA CYS B 759 23.50 -29.41 -52.43
C CYS B 759 23.07 -29.90 -51.05
N SER B 760 23.77 -29.40 -50.03
CA SER B 760 23.41 -29.71 -48.65
C SER B 760 22.17 -28.94 -48.21
N THR B 761 22.14 -27.64 -48.48
CA THR B 761 20.98 -26.80 -48.20
C THR B 761 20.73 -25.91 -49.40
N PHE B 762 19.53 -25.31 -49.43
CA PHE B 762 19.15 -24.46 -50.55
C PHE B 762 17.98 -23.59 -50.14
N LEU B 763 18.16 -22.27 -50.22
CA LEU B 763 17.09 -21.32 -49.94
C LEU B 763 16.42 -20.94 -51.26
N THR B 764 15.13 -21.23 -51.37
CA THR B 764 14.37 -20.94 -52.59
C THR B 764 12.90 -20.80 -52.22
N SER B 765 12.05 -20.71 -53.24
CA SER B 765 10.61 -20.59 -53.06
C SER B 765 9.90 -21.55 -53.99
N ILE B 766 8.85 -22.19 -53.47
CA ILE B 766 7.96 -23.03 -54.26
C ILE B 766 6.64 -22.28 -54.44
N LYS B 767 6.07 -22.39 -55.63
CA LYS B 767 4.90 -21.61 -56.00
C LYS B 767 3.72 -22.53 -56.28
N ALA B 768 2.52 -21.98 -56.17
CA ALA B 768 1.27 -22.72 -56.40
C ALA B 768 0.60 -22.16 -57.65
N CYS B 769 0.88 -22.79 -58.79
CA CYS B 769 0.32 -22.40 -60.08
C CYS B 769 -0.85 -23.30 -60.45
N ASP B 770 -1.59 -22.87 -61.46
CA ASP B 770 -2.48 -23.78 -62.19
C ASP B 770 -1.96 -23.88 -63.62
N SER B 771 -2.87 -23.98 -64.60
CA SER B 771 -2.43 -24.05 -65.99
C SER B 771 -1.93 -22.71 -66.49
N ALA B 772 -2.41 -21.61 -65.92
CA ALA B 772 -2.13 -20.29 -66.47
C ALA B 772 -1.44 -19.34 -65.51
N MET B 773 -1.79 -19.36 -64.22
CA MET B 773 -1.25 -18.38 -63.28
C MET B 773 -0.92 -19.05 -61.95
N CYS B 774 -0.06 -18.39 -61.19
CA CYS B 774 0.29 -18.80 -59.84
C CYS B 774 -0.49 -17.96 -58.83
N TYR B 775 -1.01 -18.63 -57.80
CA TYR B 775 -1.86 -17.99 -56.82
C TYR B 775 -1.24 -17.89 -55.44
N GLY B 776 -0.10 -18.53 -55.20
CA GLY B 776 0.57 -18.45 -53.91
C GLY B 776 1.99 -18.95 -54.02
N SER B 777 2.77 -18.68 -52.98
CA SER B 777 4.16 -19.10 -52.94
C SER B 777 4.59 -19.28 -51.49
N THR B 778 5.56 -20.18 -51.29
CA THR B 778 6.14 -20.44 -49.99
C THR B 778 7.65 -20.57 -50.14
N THR B 779 8.39 -19.83 -49.33
CA THR B 779 9.85 -19.86 -49.34
C THR B 779 10.35 -20.59 -48.11
N ALA B 780 11.32 -21.49 -48.32
CA ALA B 780 11.83 -22.30 -47.23
C ALA B 780 13.27 -22.72 -47.53
N ASN B 781 14.02 -23.01 -46.47
CA ASN B 781 15.39 -23.48 -46.57
C ASN B 781 15.36 -25.00 -46.65
N LEU B 782 15.57 -25.54 -47.85
CA LEU B 782 15.51 -26.98 -48.06
C LEU B 782 16.75 -27.67 -47.49
N VAL B 783 16.53 -28.70 -46.69
CA VAL B 783 17.60 -29.52 -46.15
C VAL B 783 17.74 -30.78 -47.00
N ARG B 784 18.97 -31.23 -47.18
CA ARG B 784 19.27 -32.31 -48.12
C ARG B 784 18.36 -33.52 -47.92
N GLY B 785 17.85 -34.05 -49.02
CA GLY B 785 16.95 -35.18 -48.97
C GLY B 785 15.55 -34.83 -49.42
N GLN B 786 14.54 -35.26 -48.66
CA GLN B 786 13.15 -35.00 -48.96
C GLN B 786 12.63 -33.86 -48.10
N ASN B 787 11.84 -32.97 -48.70
CA ASN B 787 11.23 -31.86 -48.00
C ASN B 787 9.74 -31.83 -48.28
N THR B 788 8.96 -31.49 -47.26
CA THR B 788 7.52 -31.34 -47.37
C THR B 788 7.18 -29.87 -47.14
N VAL B 789 6.68 -29.21 -48.18
CA VAL B 789 6.37 -27.79 -48.12
C VAL B 789 4.87 -27.60 -48.30
N HIS B 790 4.30 -26.64 -47.57
CA HIS B 790 2.89 -26.30 -47.65
C HIS B 790 2.75 -24.91 -48.25
N ILE B 791 1.86 -24.77 -49.23
CA ILE B 791 1.66 -23.51 -49.94
C ILE B 791 0.19 -23.12 -49.82
N VAL B 792 -0.06 -21.85 -49.50
CA VAL B 792 -1.39 -21.29 -49.42
C VAL B 792 -1.63 -20.41 -50.63
N GLY B 793 -2.74 -20.64 -51.33
CA GLY B 793 -3.08 -19.88 -52.51
C GLY B 793 -4.55 -19.47 -52.54
N LYS B 794 -4.97 -18.86 -53.65
CA LYS B 794 -6.34 -18.38 -53.78
C LYS B 794 -6.64 -18.18 -55.26
N GLY B 795 -7.61 -18.92 -55.77
CA GLY B 795 -8.01 -18.86 -57.16
C GLY B 795 -8.12 -20.23 -57.79
N GLY B 796 -8.61 -20.23 -59.02
CA GLY B 796 -8.77 -21.46 -59.79
C GLY B 796 -10.14 -21.64 -60.39
N HIS B 797 -10.20 -22.32 -61.53
CA HIS B 797 -11.44 -22.55 -62.25
C HIS B 797 -11.45 -23.97 -62.79
N SER B 798 -12.61 -24.40 -63.28
CA SER B 798 -12.85 -25.80 -63.61
C SER B 798 -11.77 -26.38 -64.49
N GLY B 799 -11.03 -27.35 -63.96
CA GLY B 799 -9.92 -27.95 -64.64
C GLY B 799 -8.55 -27.42 -64.26
N SER B 800 -8.49 -26.40 -63.40
CA SER B 800 -7.22 -25.83 -62.97
C SER B 800 -6.61 -26.75 -61.90
N LYS B 801 -5.89 -27.77 -62.39
CA LYS B 801 -5.17 -28.68 -61.52
C LYS B 801 -4.02 -27.94 -60.86
N PHE B 802 -4.11 -27.75 -59.55
CA PHE B 802 -3.06 -27.02 -58.83
C PHE B 802 -1.81 -27.87 -58.71
N MET B 803 -0.67 -27.26 -58.97
CA MET B 803 0.62 -27.94 -58.91
C MET B 803 1.64 -27.01 -58.28
N CYS B 804 2.80 -27.58 -57.94
CA CYS B 804 3.89 -26.83 -57.32
C CYS B 804 4.96 -26.56 -58.38
N CYS B 805 5.37 -25.30 -58.48
CA CYS B 805 6.31 -24.88 -59.50
C CYS B 805 7.51 -24.20 -58.85
N HIS B 806 8.70 -24.67 -59.20
CA HIS B 806 9.95 -24.02 -58.81
C HIS B 806 10.41 -23.19 -60.00
N ASP B 807 10.26 -21.87 -59.90
CA ASP B 807 10.45 -20.95 -61.01
C ASP B 807 9.52 -21.31 -62.17
N THR B 808 9.95 -22.26 -63.02
CA THR B 808 9.11 -22.74 -64.10
C THR B 808 8.96 -24.27 -64.11
N LYS B 809 9.73 -25.00 -63.32
CA LYS B 809 9.60 -26.45 -63.24
C LYS B 809 8.40 -26.79 -62.37
N CYS B 810 7.34 -27.30 -62.98
CA CYS B 810 6.14 -27.71 -62.25
C CYS B 810 6.05 -29.23 -62.24
N SER B 811 5.41 -29.75 -61.19
CA SER B 811 5.26 -31.20 -61.07
C SER B 811 4.35 -31.73 -62.17
N SER B 812 4.59 -32.99 -62.56
CA SER B 812 3.83 -33.59 -63.64
C SER B 812 2.36 -33.77 -63.24
N THR B 813 2.11 -34.09 -61.97
CA THR B 813 0.75 -34.32 -61.51
C THR B 813 0.09 -33.01 -61.11
N GLY B 814 -1.22 -32.95 -61.30
CA GLY B 814 -1.99 -31.77 -60.92
C GLY B 814 -3.24 -32.17 -60.19
N LEU B 815 -3.59 -31.39 -59.16
CA LEU B 815 -4.70 -31.68 -58.28
C LEU B 815 -5.72 -30.54 -58.32
N VAL B 816 -7.00 -30.89 -58.43
CA VAL B 816 -8.06 -29.91 -58.43
C VAL B 816 -8.60 -29.76 -57.02
N ALA B 817 -9.20 -28.61 -56.73
CA ALA B 817 -9.74 -28.31 -55.43
C ALA B 817 -11.25 -28.62 -55.40
N ALA B 818 -11.93 -28.13 -54.38
CA ALA B 818 -13.35 -28.37 -54.18
C ALA B 818 -14.13 -27.08 -54.45
N ALA B 819 -15.44 -27.13 -54.16
CA ALA B 819 -16.37 -26.02 -54.34
C ALA B 819 -16.34 -25.09 -53.12
N PRO B 820 -16.62 -23.79 -53.29
CA PRO B 820 -16.58 -22.82 -52.19
C PRO B 820 -17.46 -23.20 -51.00
N SER B 833 -2.16 -12.24 -45.79
CA SER B 833 -0.79 -12.25 -45.31
C SER B 833 -0.14 -10.88 -45.50
N ASP B 834 1.09 -10.74 -45.00
CA ASP B 834 1.85 -9.50 -45.11
C ASP B 834 3.25 -9.77 -45.62
N LYS B 835 3.33 -10.43 -46.78
CA LYS B 835 4.59 -10.80 -47.40
C LYS B 835 4.69 -10.15 -48.77
N ILE B 836 5.91 -9.94 -49.24
CA ILE B 836 6.18 -9.36 -50.55
C ILE B 836 6.98 -10.36 -51.37
N PHE B 837 6.49 -10.66 -52.56
CA PHE B 837 7.12 -11.62 -53.47
C PHE B 837 7.43 -10.94 -54.79
N ASP B 838 8.63 -11.19 -55.31
CA ASP B 838 9.08 -10.54 -56.55
C ASP B 838 10.07 -11.50 -57.23
N ASP B 839 9.53 -12.35 -58.12
CA ASP B 839 10.35 -13.27 -58.89
C ASP B 839 10.42 -12.89 -60.35
N GLY B 840 9.99 -11.68 -60.71
CA GLY B 840 10.08 -11.20 -62.07
C GLY B 840 9.08 -11.78 -63.04
N ALA B 841 8.10 -12.54 -62.56
CA ALA B 841 7.12 -13.16 -63.45
C ALA B 841 6.19 -12.09 -64.03
N PRO B 842 5.70 -12.29 -65.25
CA PRO B 842 4.78 -11.32 -65.84
C PRO B 842 3.47 -11.24 -65.07
N GLU B 843 2.90 -10.04 -65.00
CA GLU B 843 1.64 -9.82 -64.31
C GLU B 843 0.46 -10.18 -65.20
N GLN C 3 6.31 4.84 32.91
CA GLN C 3 5.70 5.88 33.73
C GLN C 3 6.18 7.26 33.29
N VAL C 4 5.61 8.29 33.90
CA VAL C 4 6.00 9.68 33.65
C VAL C 4 6.79 10.18 34.85
N GLN C 5 7.84 10.94 34.58
CA GLN C 5 8.67 11.52 35.64
C GLN C 5 9.58 12.57 35.03
N LEU C 6 10.05 13.46 35.89
CA LEU C 6 10.97 14.52 35.51
C LEU C 6 12.17 14.49 36.47
N VAL C 7 13.37 14.50 35.91
CA VAL C 7 14.60 14.47 36.69
C VAL C 7 15.44 15.68 36.32
N GLU C 8 15.88 16.44 37.31
CA GLU C 8 16.71 17.60 37.11
C GLU C 8 18.18 17.27 37.37
N SER C 9 19.06 18.09 36.81
CA SER C 9 20.49 17.91 36.96
C SER C 9 21.17 19.22 36.57
N GLY C 10 22.50 19.25 36.74
CA GLY C 10 23.28 20.42 36.39
C GLY C 10 23.42 21.47 37.47
N GLY C 11 22.76 21.29 38.61
CA GLY C 11 22.85 22.27 39.66
C GLY C 11 24.21 22.27 40.34
N GLY C 12 24.59 23.42 40.86
CA GLY C 12 25.88 23.55 41.50
C GLY C 12 25.94 24.83 42.30
N VAL C 13 27.17 25.29 42.53
CA VAL C 13 27.43 26.52 43.27
C VAL C 13 28.59 27.25 42.63
N VAL C 14 28.36 28.50 42.23
CA VAL C 14 29.40 29.33 41.62
C VAL C 14 29.31 30.75 42.18
N GLN C 15 30.11 31.66 41.61
CA GLN C 15 30.19 33.05 42.01
C GLN C 15 29.27 33.92 41.17
N PRO C 16 28.89 35.09 41.67
CA PRO C 16 28.06 36.00 40.86
C PRO C 16 28.77 36.41 39.57
N GLY C 17 28.01 36.47 38.49
CA GLY C 17 28.53 36.84 37.19
C GLY C 17 28.94 35.69 36.31
N ARG C 18 29.04 34.47 36.85
CA ARG C 18 29.48 33.32 36.07
C ARG C 18 28.32 32.72 35.29
N SER C 19 28.37 31.41 35.04
CA SER C 19 27.36 30.74 34.24
C SER C 19 27.03 29.39 34.84
N LEU C 20 25.83 28.90 34.53
CA LEU C 20 25.39 27.57 34.91
C LEU C 20 24.21 27.19 34.02
N ARG C 21 24.10 25.89 33.75
CA ARG C 21 23.03 25.37 32.90
C ARG C 21 22.37 24.18 33.57
N LEU C 22 21.07 24.25 33.76
CA LEU C 22 20.30 23.15 34.30
C LEU C 22 19.70 22.31 33.17
N SER C 23 19.36 21.08 33.49
CA SER C 23 18.74 20.17 32.53
C SER C 23 17.60 19.43 33.19
N CYS C 24 16.58 19.12 32.41
CA CYS C 24 15.40 18.39 32.89
C CYS C 24 15.04 17.32 31.88
N ALA C 25 15.31 16.06 32.21
CA ALA C 25 15.02 14.94 31.33
C ALA C 25 13.60 14.45 31.59
N ALA C 26 12.76 14.51 30.55
CA ALA C 26 11.39 14.04 30.63
C ALA C 26 11.27 12.66 29.99
N SER C 27 10.24 11.93 30.40
CA SER C 27 10.01 10.58 29.90
C SER C 27 8.60 10.15 30.26
N GLY C 28 7.94 9.46 29.34
CA GLY C 28 6.63 8.91 29.56
C GLY C 28 5.48 9.71 28.96
N PHE C 29 5.75 10.90 28.44
CA PHE C 29 4.69 11.73 27.88
C PHE C 29 5.23 12.52 26.71
N THR C 30 4.32 12.89 25.80
CA THR C 30 4.70 13.66 24.63
C THR C 30 5.15 15.06 25.03
N PHE C 31 6.33 15.45 24.56
CA PHE C 31 6.90 16.74 24.90
C PHE C 31 6.24 17.91 24.16
N SER C 32 5.45 17.63 23.13
CA SER C 32 4.75 18.67 22.38
C SER C 32 3.30 18.86 22.80
N SER C 33 2.81 18.05 23.74
CA SER C 33 1.45 18.19 24.24
C SER C 33 1.37 18.94 25.56
N TYR C 34 2.48 19.03 26.29
CA TYR C 34 2.51 19.66 27.60
C TYR C 34 3.48 20.83 27.60
N ALA C 35 3.13 21.88 28.34
CA ALA C 35 4.06 22.97 28.60
C ALA C 35 5.01 22.57 29.72
N MET C 36 6.22 23.12 29.69
CA MET C 36 7.27 22.78 30.65
C MET C 36 7.68 24.05 31.39
N HIS C 37 7.52 24.04 32.71
CA HIS C 37 7.79 25.20 33.55
C HIS C 37 9.06 24.99 34.36
N TRP C 38 9.69 26.10 34.73
CA TRP C 38 10.76 26.13 35.72
C TRP C 38 10.27 26.96 36.90
N VAL C 39 10.28 26.37 38.10
CA VAL C 39 9.87 27.05 39.31
C VAL C 39 10.96 26.87 40.36
N ARG C 40 11.42 27.98 40.94
CA ARG C 40 12.47 27.96 41.93
C ARG C 40 11.91 28.31 43.31
N GLN C 41 12.68 27.99 44.34
CA GLN C 41 12.28 28.23 45.72
C GLN C 41 13.52 28.64 46.52
N ALA C 42 13.64 29.93 46.82
CA ALA C 42 14.76 30.41 47.60
C ALA C 42 14.73 29.77 48.99
N PRO C 43 15.91 29.61 49.64
CA PRO C 43 15.96 28.97 50.96
C PRO C 43 15.03 29.63 51.98
N GLY C 44 14.11 28.84 52.53
CA GLY C 44 13.17 29.32 53.52
C GLY C 44 12.08 30.23 52.99
N LYS C 45 12.03 30.45 51.68
CA LYS C 45 11.05 31.35 51.08
C LYS C 45 9.97 30.55 50.34
N GLY C 46 9.04 31.27 49.71
CA GLY C 46 7.97 30.65 48.97
C GLY C 46 8.40 30.16 47.60
N LEU C 47 7.45 30.18 46.68
CA LEU C 47 7.62 29.63 45.33
C LEU C 47 7.64 30.77 44.32
N GLU C 48 8.52 30.66 43.32
CA GLU C 48 8.66 31.69 42.29
C GLU C 48 8.75 31.04 40.92
N TRP C 49 7.85 31.44 40.02
CA TRP C 49 7.88 30.95 38.65
C TRP C 49 9.03 31.62 37.88
N VAL C 50 9.70 30.85 37.03
CA VAL C 50 10.89 31.34 36.35
C VAL C 50 10.63 31.49 34.85
N ALA C 51 10.37 30.37 34.16
CA ALA C 51 10.19 30.39 32.72
C ALA C 51 9.23 29.28 32.31
N VAL C 52 8.94 29.22 31.01
CA VAL C 52 8.03 28.22 30.47
C VAL C 52 8.26 28.13 28.96
N THR C 53 8.00 26.95 28.39
CA THR C 53 7.97 26.74 26.96
C THR C 53 6.76 25.88 26.64
N TRP C 54 6.11 26.16 25.52
CA TRP C 54 4.89 25.45 25.15
C TRP C 54 4.74 25.41 23.65
N PHE C 55 3.75 24.65 23.19
CA PHE C 55 3.51 24.39 21.78
C PHE C 55 4.78 23.86 21.14
N ASP C 56 5.09 22.58 21.40
CA ASP C 56 6.41 22.01 21.14
C ASP C 56 7.45 22.90 21.82
N VAL C 57 8.43 23.39 21.06
CA VAL C 57 9.35 24.40 21.57
C VAL C 57 9.48 25.52 20.54
N SER C 58 8.42 26.33 20.42
CA SER C 58 8.43 27.49 19.55
C SER C 58 8.10 28.80 20.26
N LYS C 59 7.40 28.74 21.39
CA LYS C 59 7.06 29.91 22.18
C LYS C 59 7.68 29.77 23.57
N LYS C 60 8.19 30.88 24.11
CA LYS C 60 8.83 30.88 25.41
C LYS C 60 8.48 32.16 26.15
N ASP C 61 8.44 32.07 27.48
CA ASP C 61 8.19 33.23 28.32
C ASP C 61 9.06 33.14 29.57
N TYR C 62 9.29 34.29 30.20
CA TYR C 62 10.15 34.40 31.36
C TYR C 62 9.55 35.37 32.36
N ALA C 63 10.07 35.31 33.59
CA ALA C 63 9.68 36.26 34.61
C ALA C 63 10.50 37.54 34.50
N ASP C 64 9.97 38.62 35.07
CA ASP C 64 10.61 39.93 34.93
C ASP C 64 11.97 39.94 35.61
N SER C 65 12.08 39.32 36.79
CA SER C 65 13.32 39.34 37.54
C SER C 65 14.46 38.60 36.86
N VAL C 66 14.18 37.87 35.77
CA VAL C 66 15.19 37.02 35.16
C VAL C 66 15.26 37.25 33.65
N LYS C 67 14.31 38.02 33.13
CA LYS C 67 14.18 38.18 31.68
C LYS C 67 15.45 38.77 31.08
N GLY C 68 15.97 38.10 30.04
CA GLY C 68 17.20 38.50 29.41
C GLY C 68 18.45 37.83 29.94
N ARG C 69 18.39 37.25 31.14
CA ARG C 69 19.52 36.58 31.74
C ARG C 69 19.48 35.07 31.56
N PHE C 70 18.32 34.44 31.66
CA PHE C 70 18.17 33.03 31.40
C PHE C 70 17.58 32.82 30.01
N THR C 71 17.86 31.65 29.44
CA THR C 71 17.28 31.25 28.16
C THR C 71 16.86 29.79 28.29
N ILE C 72 15.58 29.51 28.09
CA ILE C 72 15.05 28.17 28.23
C ILE C 72 15.12 27.48 26.87
N SER C 73 16.03 26.53 26.73
CA SER C 73 16.21 25.78 25.49
C SER C 73 15.39 24.50 25.50
N LYS C 78 16.50 13.81 22.61
CA LYS C 78 16.84 13.36 23.95
C LYS C 78 15.64 13.48 24.88
N ASN C 79 14.67 14.29 24.46
CA ASN C 79 13.47 14.58 25.26
C ASN C 79 13.82 15.20 26.60
N THR C 80 14.83 16.08 26.59
CA THR C 80 15.26 16.79 27.79
C THR C 80 15.05 18.28 27.60
N LEU C 81 14.87 18.98 28.72
CA LEU C 81 14.68 20.42 28.73
C LEU C 81 15.87 21.08 29.42
N TYR C 82 16.35 22.17 28.84
CA TYR C 82 17.51 22.88 29.35
C TYR C 82 17.13 24.27 29.83
N LEU C 83 17.99 24.84 30.67
CA LEU C 83 17.80 26.20 31.18
C LEU C 83 19.19 26.81 31.38
N GLN C 84 19.61 27.64 30.44
CA GLN C 84 20.91 28.30 30.52
C GLN C 84 20.78 29.54 31.40
N MET C 85 21.55 29.58 32.48
CA MET C 85 21.53 30.67 33.45
C MET C 85 22.81 31.48 33.27
N ASN C 86 22.73 32.57 32.51
CA ASN C 86 23.86 33.42 32.23
C ASN C 86 23.81 34.69 33.07
N SER C 87 25.00 35.20 33.41
CA SER C 87 25.14 36.39 34.27
C SER C 87 24.36 36.21 35.56
N LEU C 88 24.44 35.00 36.13
CA LEU C 88 23.65 34.64 37.31
C LEU C 88 24.10 35.49 38.49
N ARG C 89 23.33 36.53 38.78
CA ARG C 89 23.60 37.36 39.95
C ARG C 89 23.25 36.59 41.22
N ALA C 90 23.61 37.17 42.36
CA ALA C 90 23.62 36.44 43.62
C ALA C 90 22.24 36.21 44.23
N GLU C 91 21.18 36.75 43.66
CA GLU C 91 19.85 36.65 44.24
C GLU C 91 19.02 35.52 43.64
N ASP C 92 19.61 34.67 42.79
CA ASP C 92 18.91 33.54 42.23
C ASP C 92 19.10 32.26 43.03
N THR C 93 19.69 32.35 44.22
CA THR C 93 19.90 31.18 45.07
C THR C 93 18.56 30.54 45.43
N ALA C 94 18.37 29.30 44.98
CA ALA C 94 17.11 28.60 45.16
C ALA C 94 17.30 27.15 44.74
N VAL C 95 16.30 26.34 45.05
CA VAL C 95 16.17 24.99 44.50
C VAL C 95 15.21 25.08 43.32
N TYR C 96 15.68 24.70 42.14
CA TYR C 96 14.92 24.87 40.91
C TYR C 96 14.21 23.58 40.56
N TYR C 97 12.90 23.66 40.35
CA TYR C 97 12.08 22.52 40.01
C TYR C 97 11.70 22.53 38.54
N CYS C 98 11.41 21.34 38.02
CA CYS C 98 10.95 21.16 36.65
C CYS C 98 9.56 20.55 36.69
N ALA C 99 8.61 21.19 36.02
CA ALA C 99 7.22 20.76 36.08
C ALA C 99 6.60 20.83 34.68
N ARG C 100 5.57 20.02 34.49
CA ARG C 100 4.79 20.00 33.26
C ARG C 100 3.34 20.33 33.57
N ASN C 101 2.59 20.70 32.54
CA ASN C 101 1.15 20.90 32.68
C ASN C 101 0.54 20.86 31.29
N LEU C 102 -0.72 20.43 31.24
CA LEU C 102 -1.43 20.29 29.96
C LEU C 102 -2.06 21.62 29.57
N ILE C 103 -1.91 21.96 28.28
CA ILE C 103 -2.44 23.20 27.74
C ILE C 103 -3.25 22.88 26.48
N ARG C 104 -4.12 23.82 26.12
CA ARG C 104 -4.82 23.73 24.85
C ARG C 104 -3.81 23.80 23.71
N TYR C 105 -4.07 23.04 22.65
CA TYR C 105 -3.13 22.95 21.53
C TYR C 105 -3.24 24.21 20.69
N SER C 106 -2.47 25.22 21.06
CA SER C 106 -2.40 26.46 20.29
C SER C 106 -1.17 27.24 20.72
N GLY C 107 -0.81 28.22 19.90
CA GLY C 107 0.28 29.12 20.26
C GLY C 107 -0.04 30.01 21.44
N SER C 108 -1.33 30.20 21.75
CA SER C 108 -1.76 30.97 22.90
C SER C 108 -1.86 30.05 24.11
N TYR C 109 -1.04 30.32 25.13
CA TYR C 109 -0.98 29.47 26.32
C TYR C 109 -2.27 29.59 27.10
N PHE C 110 -2.91 28.44 27.38
CA PHE C 110 -4.09 28.41 28.22
C PHE C 110 -4.14 27.00 28.77
N PRO C 111 -4.12 26.84 30.09
CA PRO C 111 -4.04 25.50 30.67
C PRO C 111 -5.38 24.79 30.68
N VAL C 112 -5.31 23.46 30.68
CA VAL C 112 -6.50 22.62 30.89
C VAL C 112 -6.47 22.13 32.34
N HIS C 113 -5.27 21.95 32.87
CA HIS C 113 -5.09 21.68 34.30
C HIS C 113 -3.71 22.16 34.70
N GLY C 114 -3.48 22.21 36.01
CA GLY C 114 -2.25 22.74 36.56
C GLY C 114 -1.08 21.77 36.45
N MET C 115 0.03 22.18 37.06
CA MET C 115 1.25 21.37 37.06
C MET C 115 1.03 20.13 37.92
N ASP C 116 0.89 18.97 37.28
CA ASP C 116 0.52 17.75 37.99
C ASP C 116 1.71 16.95 38.49
N VAL C 117 2.74 16.77 37.65
CA VAL C 117 3.93 16.01 38.03
C VAL C 117 5.13 16.94 38.01
N TRP C 118 5.93 16.90 39.06
CA TRP C 118 7.11 17.75 39.23
C TRP C 118 8.35 16.88 39.31
N GLY C 119 9.51 17.54 39.14
CA GLY C 119 10.78 16.89 39.38
C GLY C 119 11.18 16.95 40.84
N GLN C 120 12.16 16.11 41.20
CA GLN C 120 12.64 16.08 42.58
C GLN C 120 13.36 17.37 42.96
N GLY C 121 13.82 18.15 41.98
CA GLY C 121 14.44 19.42 42.23
C GLY C 121 15.96 19.34 42.20
N THR C 122 16.59 20.45 41.83
CA THR C 122 18.03 20.58 41.86
C THR C 122 18.39 21.88 42.58
N THR C 123 19.53 21.87 43.26
CA THR C 123 19.94 22.97 44.12
C THR C 123 21.06 23.76 43.46
N VAL C 124 20.90 25.09 43.43
CA VAL C 124 21.93 25.99 42.92
C VAL C 124 21.98 27.22 43.81
N THR C 125 23.14 27.49 44.40
CA THR C 125 23.36 28.62 45.27
C THR C 125 24.54 29.43 44.73
N VAL C 126 24.37 30.75 44.66
CA VAL C 126 25.41 31.66 44.18
C VAL C 126 25.59 32.76 45.22
N SER C 127 26.69 32.70 45.96
CA SER C 127 26.99 33.69 46.98
C SER C 127 28.48 33.65 47.27
N SER C 128 29.15 34.79 47.14
CA SER C 128 30.59 34.86 47.38
C SER C 128 30.99 36.17 48.04
N ASP D 149 0.26 46.90 38.49
CA ASP D 149 0.85 45.59 38.71
C ASP D 149 -0.19 44.58 39.22
N ILE D 150 0.28 43.42 39.66
CA ILE D 150 -0.60 42.34 40.11
C ILE D 150 0.14 41.53 41.16
N VAL D 151 -0.53 41.25 42.28
CA VAL D 151 0.04 40.45 43.36
C VAL D 151 -1.09 39.65 44.00
N MET D 152 -0.71 38.53 44.62
CA MET D 152 -1.64 37.65 45.31
C MET D 152 -1.43 37.77 46.82
N THR D 153 -2.54 37.81 47.57
CA THR D 153 -2.51 37.94 49.02
C THR D 153 -3.16 36.72 49.65
N GLN D 154 -2.42 36.01 50.48
CA GLN D 154 -2.93 34.84 51.19
C GLN D 154 -3.20 35.19 52.66
N SER D 155 -4.28 34.64 53.19
CA SER D 155 -4.63 34.84 54.59
C SER D 155 -4.11 33.65 55.39
N PRO D 156 -4.38 33.57 56.71
CA PRO D 156 -3.31 33.23 57.67
C PRO D 156 -2.01 32.71 57.07
N LEU D 157 -0.92 33.46 57.28
CA LEU D 157 0.40 32.95 56.96
C LEU D 157 0.66 31.62 57.66
N SER D 158 0.00 31.39 58.79
CA SER D 158 0.08 30.13 59.53
C SER D 158 -1.32 29.73 59.98
N LEU D 159 -1.69 28.48 59.71
CA LEU D 159 -2.99 27.94 60.09
C LEU D 159 -2.79 26.64 60.86
N PRO D 160 -2.46 26.73 62.15
CA PRO D 160 -2.34 25.52 62.97
C PRO D 160 -3.69 25.02 63.42
N VAL D 161 -3.86 23.70 63.40
CA VAL D 161 -5.14 23.09 63.76
C VAL D 161 -4.89 21.63 64.14
N THR D 162 -5.85 21.03 64.84
CA THR D 162 -5.80 19.64 65.24
C THR D 162 -6.13 18.74 64.05
N PRO D 163 -5.98 17.42 64.18
CA PRO D 163 -6.41 16.53 63.09
C PRO D 163 -7.89 16.15 63.16
N GLY D 164 -8.66 16.52 62.13
CA GLY D 164 -10.04 16.07 62.03
C GLY D 164 -11.09 17.16 62.07
N GLU D 165 -10.74 18.35 61.60
CA GLU D 165 -11.60 19.53 61.65
C GLU D 165 -11.54 20.22 60.31
N PRO D 166 -12.45 21.18 60.06
CA PRO D 166 -12.35 21.97 58.84
C PRO D 166 -11.24 23.01 58.91
N ALA D 167 -10.75 23.38 57.73
CA ALA D 167 -9.75 24.43 57.60
C ALA D 167 -10.05 25.24 56.34
N SER D 168 -9.68 26.52 56.39
CA SER D 168 -9.97 27.43 55.28
C SER D 168 -8.73 28.27 54.99
N ILE D 169 -8.45 28.45 53.70
CA ILE D 169 -7.35 29.29 53.23
C ILE D 169 -7.90 30.21 52.16
N SER D 170 -7.63 31.51 52.29
CA SER D 170 -8.08 32.50 51.33
C SER D 170 -6.90 32.99 50.49
N CYS D 171 -7.23 33.43 49.28
CA CYS D 171 -6.23 33.96 48.35
C CYS D 171 -6.90 35.04 47.51
N ARG D 172 -6.41 36.28 47.65
CA ARG D 172 -7.03 37.44 47.04
C ARG D 172 -6.06 38.07 46.04
N SER D 173 -6.57 38.44 44.87
CA SER D 173 -5.77 38.98 43.79
C SER D 173 -5.98 40.48 43.65
N SER D 174 -4.99 41.14 43.06
CA SER D 174 -5.10 42.58 42.82
C SER D 174 -6.12 42.88 41.73
N GLN D 175 -6.11 42.09 40.66
CA GLN D 175 -7.04 42.23 39.54
C GLN D 175 -7.79 40.92 39.34
N SER D 176 -8.81 40.98 38.48
CA SER D 176 -9.70 39.84 38.30
C SER D 176 -8.99 38.71 37.56
N LEU D 177 -9.21 37.48 38.02
CA LEU D 177 -8.67 36.29 37.40
C LEU D 177 -9.68 35.55 36.55
N LEU D 178 -10.87 36.12 36.36
CA LEU D 178 -11.91 35.50 35.55
C LEU D 178 -11.58 35.73 34.08
N HIS D 179 -11.28 34.66 33.36
CA HIS D 179 -10.90 34.77 31.96
C HIS D 179 -12.14 34.82 31.07
N THR D 180 -11.95 35.33 29.85
CA THR D 180 -13.07 35.43 28.90
C THR D 180 -13.63 34.06 28.56
N TYR D 181 -12.81 33.01 28.64
CA TYR D 181 -13.29 31.66 28.39
C TYR D 181 -14.24 31.17 29.48
N GLY D 182 -14.26 31.83 30.63
CA GLY D 182 -15.13 31.45 31.72
C GLY D 182 -14.48 30.66 32.84
N TYR D 183 -13.15 30.61 32.88
CA TYR D 183 -12.41 29.89 33.92
C TYR D 183 -11.66 30.89 34.79
N ASN D 184 -11.64 30.62 36.09
CA ASN D 184 -10.81 31.38 37.02
C ASN D 184 -9.39 30.82 36.93
N CYS D 185 -8.45 31.63 36.44
CA CYS D 185 -7.09 31.18 36.21
C CYS D 185 -6.30 31.21 37.52
N LEU D 186 -6.62 30.24 38.37
CA LEU D 186 -5.95 30.10 39.67
C LEU D 186 -5.82 28.63 40.03
N ASP D 187 -4.65 28.23 40.50
CA ASP D 187 -4.39 26.87 40.96
C ASP D 187 -4.09 26.88 42.46
N TRP D 188 -4.12 25.69 43.05
CA TRP D 188 -3.78 25.50 44.45
C TRP D 188 -2.74 24.39 44.54
N TYR D 189 -1.61 24.69 45.18
CA TYR D 189 -0.51 23.73 45.30
C TYR D 189 -0.20 23.47 46.76
N LEU D 190 0.37 22.30 47.02
CA LEU D 190 0.76 21.87 48.36
C LEU D 190 2.18 21.35 48.32
N GLN D 191 3.00 21.77 49.29
CA GLN D 191 4.38 21.33 49.38
C GLN D 191 4.60 20.71 50.75
N ARG D 192 4.79 19.39 50.77
CA ARG D 192 5.12 18.69 52.00
C ARG D 192 6.56 19.01 52.42
N PRO D 193 6.89 18.81 53.70
CA PRO D 193 8.20 19.29 54.20
C PRO D 193 9.40 18.90 53.36
N GLY D 194 9.55 17.63 53.01
CA GLY D 194 10.66 17.18 52.20
C GLY D 194 10.34 16.87 50.76
N GLN D 195 9.14 17.21 50.29
CA GLN D 195 8.68 16.82 48.96
C GLN D 195 8.57 18.05 48.05
N SER D 196 8.53 17.78 46.76
CA SER D 196 8.25 18.81 45.77
C SER D 196 6.77 19.19 45.84
N PRO D 197 6.41 20.35 45.31
CA PRO D 197 4.99 20.73 45.29
C PRO D 197 4.13 19.73 44.53
N GLN D 198 2.85 19.70 44.88
CA GLN D 198 1.88 18.83 44.23
C GLN D 198 0.65 19.65 43.87
N LEU D 199 -0.14 19.12 42.93
CA LEU D 199 -1.33 19.80 42.44
C LEU D 199 -2.55 19.38 43.24
N LEU D 200 -3.33 20.37 43.68
CA LEU D 200 -4.58 20.14 44.39
C LEU D 200 -5.79 20.57 43.56
N ILE D 201 -5.87 21.87 43.24
CA ILE D 201 -6.98 22.43 42.49
C ILE D 201 -6.43 23.16 41.28
N SER D 202 -7.08 22.99 40.13
CA SER D 202 -6.75 23.71 38.92
C SER D 202 -7.96 24.50 38.44
N LEU D 203 -7.70 25.72 37.98
CA LEU D 203 -8.73 26.61 37.42
C LEU D 203 -9.84 26.90 38.44
N GLY D 204 -9.44 27.13 39.69
CA GLY D 204 -10.39 27.60 40.69
C GLY D 204 -11.07 26.54 41.51
N SER D 205 -11.74 25.59 40.85
CA SER D 205 -12.55 24.62 41.57
C SER D 205 -12.43 23.20 41.07
N TYR D 206 -11.65 22.94 40.02
CA TYR D 206 -11.55 21.59 39.45
C TYR D 206 -10.54 20.78 40.25
N ARG D 207 -11.04 19.83 41.04
CA ARG D 207 -10.18 19.00 41.87
C ARG D 207 -9.31 18.11 41.00
N ALA D 208 -8.01 18.12 41.26
CA ALA D 208 -7.08 17.34 40.47
C ALA D 208 -7.27 15.85 40.72
N SER D 209 -6.86 15.05 39.74
CA SER D 209 -6.97 13.60 39.86
C SER D 209 -6.06 13.09 40.97
N GLY D 210 -6.54 12.10 41.70
CA GLY D 210 -5.81 11.56 42.83
C GLY D 210 -5.91 12.38 44.10
N VAL D 211 -6.61 13.51 44.07
CA VAL D 211 -6.80 14.34 45.26
C VAL D 211 -8.11 13.94 45.92
N PRO D 212 -8.12 13.63 47.21
CA PRO D 212 -9.34 13.16 47.87
C PRO D 212 -10.40 14.25 47.93
N ASP D 213 -11.63 13.81 48.23
CA ASP D 213 -12.80 14.68 48.21
C ASP D 213 -12.78 15.73 49.30
N ARG D 214 -11.90 15.61 50.30
CA ARG D 214 -11.93 16.56 51.41
C ARG D 214 -11.48 17.95 50.97
N PHE D 215 -10.61 18.03 49.97
CA PHE D 215 -10.20 19.32 49.42
C PHE D 215 -11.27 19.84 48.46
N SER D 216 -11.40 21.15 48.40
CA SER D 216 -12.43 21.77 47.58
C SER D 216 -12.04 23.21 47.28
N GLY D 217 -12.22 23.62 46.04
CA GLY D 217 -11.92 24.96 45.60
C GLY D 217 -13.18 25.72 45.24
N SER D 218 -13.16 27.03 45.48
CA SER D 218 -14.31 27.88 45.20
C SER D 218 -13.84 29.33 45.07
N GLY D 219 -14.71 30.17 44.54
CA GLY D 219 -14.43 31.58 44.37
C GLY D 219 -14.61 32.01 42.92
N SER D 220 -14.50 33.33 42.74
CA SER D 220 -14.63 33.94 41.43
C SER D 220 -14.06 35.34 41.48
N GLY D 221 -13.60 35.82 40.33
CA GLY D 221 -13.05 37.16 40.21
C GLY D 221 -11.73 37.33 40.91
N THR D 222 -11.76 37.85 42.14
CA THR D 222 -10.56 38.13 42.91
C THR D 222 -10.50 37.43 44.25
N ASP D 223 -11.61 36.93 44.77
CA ASP D 223 -11.67 36.35 46.12
C ASP D 223 -11.86 34.85 45.98
N PHE D 224 -10.80 34.09 46.22
CA PHE D 224 -10.80 32.64 46.10
C PHE D 224 -10.54 32.00 47.45
N THR D 225 -11.01 30.76 47.60
CA THR D 225 -10.99 30.11 48.89
C THR D 225 -10.75 28.61 48.70
N LEU D 226 -9.92 28.03 49.56
CA LEU D 226 -9.61 26.61 49.53
C LEU D 226 -10.16 25.97 50.81
N LYS D 227 -11.14 25.09 50.66
CA LYS D 227 -11.74 24.39 51.79
C LYS D 227 -11.21 22.97 51.88
N ILE D 228 -10.87 22.55 53.10
CA ILE D 228 -10.44 21.19 53.36
C ILE D 228 -11.18 20.71 54.62
N SER D 229 -11.98 19.66 54.46
CA SER D 229 -12.79 19.13 55.55
C SER D 229 -12.08 17.94 56.18
N ARG D 230 -12.19 17.83 57.50
CA ARG D 230 -11.49 16.80 58.28
C ARG D 230 -10.01 16.77 57.93
N VAL D 231 -9.25 17.73 58.48
CA VAL D 231 -7.81 17.78 58.21
C VAL D 231 -7.16 16.50 58.74
N GLU D 232 -6.32 15.90 57.92
CA GLU D 232 -5.62 14.66 58.25
C GLU D 232 -4.15 14.97 58.55
N ALA D 233 -3.42 13.93 58.94
CA ALA D 233 -2.01 14.10 59.27
C ALA D 233 -1.17 14.32 58.03
N GLU D 234 -1.61 13.82 56.87
CA GLU D 234 -0.84 13.94 55.64
C GLU D 234 -0.90 15.35 55.07
N ASP D 235 -1.83 16.19 55.53
CA ASP D 235 -2.03 17.51 54.96
C ASP D 235 -0.99 18.53 55.39
N VAL D 236 -0.02 18.14 56.23
CA VAL D 236 0.98 19.08 56.71
C VAL D 236 1.84 19.57 55.55
N GLY D 237 2.16 20.86 55.58
CA GLY D 237 2.96 21.46 54.53
C GLY D 237 2.58 22.93 54.36
N VAL D 238 3.00 23.48 53.23
CA VAL D 238 2.72 24.87 52.87
C VAL D 238 1.81 24.90 51.66
N TYR D 239 0.78 25.74 51.70
CA TYR D 239 -0.19 25.86 50.62
C TYR D 239 0.09 27.12 49.81
N TYR D 240 0.03 26.99 48.49
CA TYR D 240 0.30 28.09 47.58
C TYR D 240 -0.80 28.16 46.53
N CYS D 241 -1.40 29.33 46.38
CA CYS D 241 -2.23 29.63 45.22
C CYS D 241 -1.35 30.25 44.14
N MET D 242 -1.64 29.92 42.89
CA MET D 242 -0.85 30.40 41.78
C MET D 242 -1.75 30.86 40.64
N GLN D 243 -1.41 32.01 40.06
CA GLN D 243 -2.10 32.49 38.88
C GLN D 243 -1.75 31.60 37.70
N ALA D 244 -2.76 31.21 36.92
CA ALA D 244 -2.58 30.25 35.84
C ALA D 244 -2.13 30.90 34.53
N LEU D 245 -2.01 32.22 34.48
CA LEU D 245 -1.54 32.92 33.29
C LEU D 245 -0.25 33.66 33.63
N HIS D 246 0.27 34.39 32.64
CA HIS D 246 1.68 34.81 32.58
C HIS D 246 2.25 35.45 33.84
N PRO D 247 1.67 36.53 34.38
CA PRO D 247 2.43 37.25 35.42
C PRO D 247 2.59 36.46 36.71
N PHE D 248 1.29 33.75 36.72
CA PHE D 248 2.22 32.81 37.31
C PHE D 248 2.80 33.37 38.60
N THR D 249 2.15 34.40 39.14
CA THR D 249 2.52 34.90 40.45
C THR D 249 2.01 33.95 41.52
N PHE D 250 2.81 33.74 42.57
CA PHE D 250 2.45 32.86 43.66
C PHE D 250 1.88 33.64 44.83
N GLY D 251 1.15 32.95 45.68
CA GLY D 251 0.50 33.55 46.83
C GLY D 251 1.44 33.97 47.94
N GLY D 252 2.47 33.18 48.21
CA GLY D 252 3.41 33.47 49.29
C GLY D 252 3.51 32.38 50.35
N GLY D 253 2.56 31.48 50.44
CA GLY D 253 2.67 30.37 51.37
C GLY D 253 1.72 30.50 52.55
N THR D 254 1.07 29.40 52.90
CA THR D 254 0.25 29.30 54.10
C THR D 254 0.61 28.01 54.80
N LYS D 255 1.15 28.11 56.01
CA LYS D 255 1.63 26.94 56.74
C LYS D 255 0.51 26.31 57.55
N VAL D 256 0.42 24.99 57.49
CA VAL D 256 -0.54 24.22 58.26
C VAL D 256 0.22 23.22 59.12
N GLU D 257 -0.29 22.96 60.32
CA GLU D 257 0.39 22.10 61.27
C GLU D 257 -0.54 21.63 62.38
#